data_2EY4
#
_entry.id   2EY4
#
_cell.length_a   36.087
_cell.length_b   75.361
_cell.length_c   103.240
_cell.angle_alpha   95.90
_cell.angle_beta   96.90
_cell.angle_gamma   94.99
#
_symmetry.space_group_name_H-M   'P 1'
#
loop_
_entity.id
_entity.type
_entity.pdbx_description
1 polymer 'Probable tRNA pseudouridine synthase B'
2 polymer 'small nucleolar rnp similar to gar1'
3 polymer 'Ribosome biogenesis protein Nop10'
4 non-polymer 'ZINC ION'
5 water water
#
loop_
_entity_poly.entity_id
_entity_poly.type
_entity_poly.pdbx_seq_one_letter_code
_entity_poly.pdbx_strand_id
1 'polypeptide(L)'
;MARDEVRRILPADIKREVLIKDENAETNPDWGFPPEKRPIEMHIQFGVINLDKPPGPTSHEVVAWIKKILNLEKAGHGGT
LDPKVSGVLPVALEKATRVVQALLPAGKEYVALMHLHGDVPEDKIIQVMKEFEGEIIQRPPLRSAVKRRLRTRKVYYIEV
LEIEGRDVLFRVGVEAGTYIRSLIHHIGLALGVGAHMSELRRTRSGPFKEDETLITLHDLVDYYYFWKEDGIEEYFRKAI
QPMEKAVEHLPKVWIKDSAVAAVTHGADLAVPGIAKLHAGIKRGDLVAIMTLKDELVALGKAMMTSQEMLEKTKGIAVDV
EKVFMPRDWYPKL
;
A,B
2 'polypeptide(L)'
;MEKQGEKMKRLGKVLHYAKQGFLIVRTNWVPSLNDRVVDKRLQFVGIVKDVFGPVKMPYVAIKPKVSNPEIYVGEVLYVD
ER
;
C,D
3 'polypeptide(L)' MRFRIRKCPKCGRYTLKEVCPVCGEKTKVAHPPRFSPEDPYGEYRRRWKREVLGI E,F
#
loop_
_chem_comp.id
_chem_comp.type
_chem_comp.name
_chem_comp.formula
ZN non-polymer 'ZINC ION' 'Zn 2'
#
# COMPACT_ATOMS: atom_id res chain seq x y z
N GLU A 5 7.89 30.65 24.51
CA GLU A 5 8.07 29.35 25.21
C GLU A 5 7.37 29.36 26.57
N VAL A 6 6.13 28.89 26.59
CA VAL A 6 5.33 28.82 27.81
C VAL A 6 3.92 28.32 27.50
N ARG A 7 3.37 27.52 28.40
CA ARG A 7 2.01 27.00 28.21
C ARG A 7 0.99 28.08 28.54
N ARG A 8 1.37 29.35 28.41
CA ARG A 8 0.48 30.46 28.72
C ARG A 8 -0.29 31.01 27.53
N ILE A 9 0.10 30.64 26.30
CA ILE A 9 -0.61 31.09 25.12
C ILE A 9 -0.83 29.93 24.17
N LEU A 10 -1.62 30.14 23.11
CA LEU A 10 -1.85 29.08 22.16
C LEU A 10 -0.56 28.85 21.38
N PRO A 11 -0.17 27.58 21.22
CA PRO A 11 1.05 27.23 20.48
C PRO A 11 1.13 27.91 19.11
N ALA A 12 -0.02 28.12 18.48
CA ALA A 12 -0.04 28.77 17.17
C ALA A 12 0.52 30.19 17.27
N ASP A 13 0.56 30.73 18.49
CA ASP A 13 1.06 32.08 18.71
C ASP A 13 2.58 32.09 18.86
N ILE A 14 3.16 30.92 19.09
CA ILE A 14 4.60 30.84 19.25
C ILE A 14 5.29 30.76 17.91
N LYS A 15 6.18 31.71 17.65
CA LYS A 15 6.89 31.74 16.40
C LYS A 15 8.10 30.79 16.47
N ARG A 16 8.41 30.13 15.36
CA ARG A 16 9.52 29.21 15.31
C ARG A 16 10.67 29.80 14.51
N GLU A 17 11.88 29.26 14.70
CA GLU A 17 13.05 29.72 13.99
C GLU A 17 13.14 29.00 12.64
N VAL A 18 13.68 29.69 11.64
CA VAL A 18 13.83 29.12 10.30
C VAL A 18 15.29 28.72 10.09
N LEU A 19 15.55 27.42 9.99
CA LEU A 19 16.91 26.95 9.78
C LEU A 19 17.11 26.85 8.27
N ILE A 20 18.28 27.27 7.78
CA ILE A 20 18.57 27.22 6.35
C ILE A 20 19.51 26.08 5.99
N LYS A 21 19.05 25.16 5.14
CA LYS A 21 19.90 24.04 4.72
C LYS A 21 20.67 24.38 3.45
N ASP A 22 19.96 24.96 2.46
CA ASP A 22 20.56 25.33 1.17
C ASP A 22 20.14 26.76 0.81
N GLU A 23 21.09 27.70 0.94
CA GLU A 23 20.84 29.11 0.67
C GLU A 23 20.69 29.50 -0.79
N ASN A 24 21.21 28.70 -1.72
CA ASN A 24 21.10 29.08 -3.12
C ASN A 24 19.99 28.43 -3.94
N ALA A 25 19.07 27.75 -3.27
CA ALA A 25 17.98 27.11 -3.97
C ALA A 25 17.12 28.24 -4.55
N GLU A 26 16.67 28.06 -5.78
CA GLU A 26 15.83 29.04 -6.45
C GLU A 26 14.60 28.32 -6.97
N THR A 27 13.57 29.09 -7.32
CA THR A 27 12.35 28.48 -7.83
C THR A 27 12.00 29.04 -9.20
N ASN A 28 11.44 28.19 -10.06
CA ASN A 28 11.07 28.60 -11.40
C ASN A 28 9.73 29.36 -11.41
N PRO A 29 9.74 30.63 -11.84
CA PRO A 29 8.52 31.45 -11.87
C PRO A 29 7.43 30.90 -12.80
N ASP A 30 7.81 29.99 -13.69
CA ASP A 30 6.87 29.40 -14.63
C ASP A 30 6.07 28.24 -14.01
N TRP A 31 6.57 27.68 -12.92
CA TRP A 31 5.89 26.57 -12.28
C TRP A 31 5.10 26.95 -11.03
N GLY A 32 4.04 26.20 -10.77
CA GLY A 32 3.23 26.44 -9.58
C GLY A 32 2.11 27.46 -9.68
N PHE A 33 1.20 27.41 -8.71
CA PHE A 33 0.08 28.35 -8.66
C PHE A 33 -0.07 28.94 -7.27
N PRO A 34 0.69 29.99 -6.96
CA PRO A 34 0.58 30.60 -5.63
C PRO A 34 -0.87 31.09 -5.47
N PRO A 35 -1.35 31.24 -4.23
CA PRO A 35 -2.72 31.70 -4.01
C PRO A 35 -3.17 32.86 -4.93
N GLU A 36 -2.38 33.93 -4.96
CA GLU A 36 -2.71 35.08 -5.78
C GLU A 36 -2.63 34.83 -7.30
N LYS A 37 -2.61 33.56 -7.71
CA LYS A 37 -2.54 33.23 -9.13
C LYS A 37 -3.65 32.26 -9.50
N ARG A 38 -4.38 31.76 -8.52
CA ARG A 38 -5.43 30.79 -8.77
C ARG A 38 -6.77 31.32 -9.25
N PRO A 39 -7.24 30.84 -10.42
CA PRO A 39 -8.53 31.30 -10.92
C PRO A 39 -9.55 30.89 -9.87
N ILE A 40 -10.64 31.64 -9.75
CA ILE A 40 -11.67 31.35 -8.77
C ILE A 40 -12.04 29.88 -8.72
N GLU A 41 -12.18 29.25 -9.88
CA GLU A 41 -12.53 27.83 -9.94
C GLU A 41 -11.51 26.99 -9.18
N MET A 42 -10.23 27.24 -9.45
CA MET A 42 -9.12 26.54 -8.81
C MET A 42 -9.00 26.90 -7.32
N HIS A 43 -9.25 28.16 -7.00
CA HIS A 43 -9.17 28.64 -5.63
C HIS A 43 -10.15 27.83 -4.76
N ILE A 44 -11.32 27.52 -5.31
CA ILE A 44 -12.34 26.76 -4.60
C ILE A 44 -11.89 25.31 -4.42
N GLN A 45 -11.31 24.73 -5.47
CA GLN A 45 -10.82 23.36 -5.43
C GLN A 45 -9.84 23.14 -4.29
N PHE A 46 -9.03 24.16 -4.03
CA PHE A 46 -8.02 24.08 -2.96
C PHE A 46 -8.34 25.10 -1.87
N GLY A 47 -9.61 25.20 -1.51
CA GLY A 47 -10.01 26.19 -0.51
C GLY A 47 -10.56 25.65 0.79
N VAL A 48 -10.64 26.53 1.78
CA VAL A 48 -11.13 26.21 3.10
C VAL A 48 -11.95 27.40 3.59
N ILE A 49 -13.15 27.13 4.08
CA ILE A 49 -14.01 28.19 4.57
C ILE A 49 -13.83 28.33 6.07
N ASN A 50 -13.73 29.56 6.54
CA ASN A 50 -13.62 29.85 7.97
C ASN A 50 -15.06 30.21 8.32
N LEU A 51 -15.87 29.16 8.52
CA LEU A 51 -17.28 29.33 8.81
C LEU A 51 -17.65 29.63 10.25
N ASP A 52 -18.59 30.55 10.42
CA ASP A 52 -19.08 30.89 11.75
C ASP A 52 -20.29 30.02 11.88
N LYS A 53 -20.14 28.86 12.52
CA LYS A 53 -21.26 27.95 12.69
C LYS A 53 -22.37 28.54 13.57
N PRO A 54 -23.63 28.38 13.15
CA PRO A 54 -24.77 28.90 13.93
C PRO A 54 -25.24 27.85 14.92
N PRO A 55 -25.82 28.29 16.06
CA PRO A 55 -26.28 27.27 17.00
C PRO A 55 -27.48 26.58 16.35
N GLY A 56 -27.61 25.28 16.57
CA GLY A 56 -28.72 24.57 15.99
C GLY A 56 -28.32 23.26 15.34
N PRO A 57 -27.83 23.31 14.10
CA PRO A 57 -27.45 22.08 13.42
C PRO A 57 -26.16 21.45 13.93
N THR A 58 -25.97 20.17 13.62
CA THR A 58 -24.76 19.47 14.01
C THR A 58 -23.74 19.97 12.97
N SER A 59 -22.45 19.83 13.27
CA SER A 59 -21.41 20.27 12.34
C SER A 59 -21.52 19.48 11.04
N HIS A 60 -21.81 18.20 11.13
CA HIS A 60 -21.95 17.37 9.94
C HIS A 60 -23.06 17.96 9.07
N GLU A 61 -24.16 18.30 9.74
CA GLU A 61 -25.31 18.88 9.07
C GLU A 61 -24.87 20.14 8.32
N VAL A 62 -24.09 20.97 8.99
CA VAL A 62 -23.58 22.20 8.38
C VAL A 62 -22.76 21.90 7.11
N VAL A 63 -21.87 20.91 7.19
CA VAL A 63 -21.06 20.56 6.03
C VAL A 63 -21.95 20.12 4.88
N ALA A 64 -22.99 19.35 5.20
CA ALA A 64 -23.93 18.87 4.19
C ALA A 64 -24.60 20.03 3.46
N TRP A 65 -25.02 21.04 4.22
CA TRP A 65 -25.65 22.22 3.62
C TRP A 65 -24.70 22.90 2.66
N ILE A 66 -23.45 23.04 3.09
CA ILE A 66 -22.44 23.68 2.26
C ILE A 66 -22.18 22.87 1.00
N LYS A 67 -22.14 21.54 1.11
CA LYS A 67 -21.89 20.74 -0.09
C LYS A 67 -22.99 20.95 -1.12
N LYS A 68 -24.21 21.11 -0.62
CA LYS A 68 -25.37 21.31 -1.49
C LYS A 68 -25.40 22.70 -2.12
N ILE A 69 -25.30 23.73 -1.28
CA ILE A 69 -25.32 25.11 -1.74
C ILE A 69 -24.25 25.44 -2.77
N LEU A 70 -23.02 24.96 -2.54
CA LEU A 70 -21.92 25.25 -3.45
C LEU A 70 -21.77 24.17 -4.53
N ASN A 71 -22.68 23.21 -4.55
CA ASN A 71 -22.63 22.14 -5.54
C ASN A 71 -21.24 21.48 -5.54
N LEU A 72 -20.79 21.09 -4.36
CA LEU A 72 -19.50 20.45 -4.18
C LEU A 72 -19.62 18.94 -4.12
N GLU A 73 -18.49 18.27 -4.29
CA GLU A 73 -18.45 16.82 -4.23
C GLU A 73 -17.91 16.38 -2.87
N LYS A 74 -16.91 17.12 -2.38
CA LYS A 74 -16.29 16.80 -1.09
C LYS A 74 -16.08 18.04 -0.23
N ALA A 75 -16.15 17.85 1.09
CA ALA A 75 -15.94 18.91 2.07
C ALA A 75 -15.82 18.22 3.42
N GLY A 76 -15.19 18.88 4.39
CA GLY A 76 -15.04 18.31 5.71
C GLY A 76 -14.73 19.43 6.69
N HIS A 77 -15.07 19.26 7.96
CA HIS A 77 -14.79 20.29 8.95
C HIS A 77 -13.62 19.91 9.85
N GLY A 78 -12.97 20.92 10.44
CA GLY A 78 -11.82 20.69 11.29
C GLY A 78 -11.99 20.80 12.79
N GLY A 79 -12.97 20.07 13.34
CA GLY A 79 -13.19 20.12 14.77
C GLY A 79 -14.66 20.18 15.11
N THR A 80 -15.24 19.03 15.47
CA THR A 80 -16.65 18.97 15.79
C THR A 80 -17.08 20.00 16.82
N LEU A 81 -18.14 20.72 16.48
CA LEU A 81 -18.72 21.72 17.37
C LEU A 81 -20.10 21.15 17.65
N ASP A 82 -20.45 20.99 18.91
CA ASP A 82 -21.76 20.46 19.27
C ASP A 82 -22.88 21.35 18.73
N PRO A 83 -24.07 20.78 18.48
CA PRO A 83 -25.24 21.49 17.94
C PRO A 83 -25.56 22.87 18.52
N LYS A 84 -25.58 22.99 19.84
CA LYS A 84 -25.89 24.28 20.48
C LYS A 84 -24.70 25.24 20.45
N VAL A 85 -23.55 24.75 20.01
CA VAL A 85 -22.36 25.58 19.98
C VAL A 85 -22.17 26.32 18.65
N SER A 86 -21.71 27.57 18.73
CA SER A 86 -21.49 28.37 17.54
C SER A 86 -20.00 28.64 17.42
N GLY A 87 -19.59 29.26 16.33
CA GLY A 87 -18.19 29.59 16.20
C GLY A 87 -17.37 29.03 15.05
N VAL A 88 -16.08 29.30 15.12
CA VAL A 88 -15.14 28.87 14.09
C VAL A 88 -15.26 27.40 13.74
N LEU A 89 -15.62 27.14 12.50
CA LEU A 89 -15.75 25.78 12.00
C LEU A 89 -15.10 25.78 10.64
N PRO A 90 -13.79 25.53 10.61
CA PRO A 90 -13.13 25.53 9.30
C PRO A 90 -13.70 24.40 8.44
N VAL A 91 -14.10 24.72 7.22
CA VAL A 91 -14.65 23.73 6.33
C VAL A 91 -13.83 23.66 5.05
N ALA A 92 -13.01 22.61 4.92
CA ALA A 92 -12.16 22.44 3.75
C ALA A 92 -13.00 21.93 2.59
N LEU A 93 -12.63 22.32 1.37
CA LEU A 93 -13.39 21.96 0.18
C LEU A 93 -12.68 21.11 -0.87
N GLU A 94 -13.45 20.27 -1.55
CA GLU A 94 -12.94 19.43 -2.63
C GLU A 94 -11.56 18.85 -2.41
N LYS A 95 -10.63 19.20 -3.30
CA LYS A 95 -9.26 18.69 -3.22
C LYS A 95 -8.50 19.04 -1.95
N ALA A 96 -8.99 20.00 -1.19
CA ALA A 96 -8.33 20.40 0.06
C ALA A 96 -8.98 19.74 1.27
N THR A 97 -10.08 19.03 1.05
CA THR A 97 -10.82 18.40 2.14
C THR A 97 -10.00 17.74 3.24
N ARG A 98 -8.91 17.05 2.87
CA ARG A 98 -8.11 16.37 3.90
C ARG A 98 -7.16 17.26 4.71
N VAL A 99 -7.11 18.55 4.43
CA VAL A 99 -6.25 19.42 5.22
C VAL A 99 -6.80 19.49 6.65
N VAL A 100 -8.00 18.97 6.86
CA VAL A 100 -8.59 19.00 8.19
C VAL A 100 -7.68 18.21 9.13
N GLN A 101 -6.96 17.23 8.58
CA GLN A 101 -6.04 16.42 9.38
C GLN A 101 -5.13 17.32 10.21
N ALA A 102 -4.79 18.48 9.65
CA ALA A 102 -3.93 19.44 10.33
C ALA A 102 -4.67 20.29 11.35
N LEU A 103 -6.00 20.34 11.24
CA LEU A 103 -6.81 21.15 12.14
C LEU A 103 -7.38 20.43 13.36
N LEU A 104 -7.86 19.21 13.17
CA LEU A 104 -8.45 18.45 14.26
C LEU A 104 -7.62 18.41 15.56
N PRO A 105 -6.28 18.28 15.43
CA PRO A 105 -5.42 18.23 16.62
C PRO A 105 -4.85 19.59 17.05
N ALA A 106 -5.34 20.68 16.46
CA ALA A 106 -4.84 22.00 16.79
C ALA A 106 -5.39 22.53 18.12
N GLY A 107 -4.79 23.60 18.62
CA GLY A 107 -5.25 24.20 19.85
C GLY A 107 -6.56 24.94 19.60
N LYS A 108 -7.43 25.01 20.60
CA LYS A 108 -8.71 25.68 20.45
C LYS A 108 -8.91 26.76 21.53
N GLU A 109 -9.72 27.75 21.23
CA GLU A 109 -10.04 28.78 22.20
C GLU A 109 -11.56 28.93 22.20
N TYR A 110 -12.12 29.09 23.39
CA TYR A 110 -13.55 29.25 23.53
C TYR A 110 -13.87 30.40 24.45
N VAL A 111 -15.12 30.86 24.38
CA VAL A 111 -15.65 31.86 25.29
C VAL A 111 -16.83 31.07 25.83
N ALA A 112 -16.82 30.81 27.13
CA ALA A 112 -17.87 30.02 27.73
C ALA A 112 -18.59 30.72 28.88
N LEU A 113 -19.83 30.30 29.10
CA LEU A 113 -20.64 30.84 30.17
C LEU A 113 -20.91 29.71 31.14
N MET A 114 -20.46 29.88 32.37
CA MET A 114 -20.67 28.89 33.40
C MET A 114 -21.76 29.38 34.34
N HIS A 115 -22.67 28.48 34.70
CA HIS A 115 -23.73 28.84 35.61
C HIS A 115 -23.55 28.12 36.93
N LEU A 116 -23.17 28.85 37.97
CA LEU A 116 -22.95 28.26 39.28
C LEU A 116 -24.30 27.93 39.93
N HIS A 117 -24.33 26.88 40.75
CA HIS A 117 -25.56 26.48 41.43
C HIS A 117 -25.65 27.09 42.82
N GLY A 118 -24.72 27.96 43.15
CA GLY A 118 -24.73 28.58 44.45
C GLY A 118 -23.98 29.90 44.43
N ASP A 119 -24.03 30.62 45.54
CA ASP A 119 -23.36 31.91 45.62
C ASP A 119 -21.97 31.75 46.18
N VAL A 120 -20.98 32.15 45.38
CA VAL A 120 -19.58 32.03 45.76
C VAL A 120 -18.87 33.35 45.53
N PRO A 121 -18.00 33.75 46.48
CA PRO A 121 -17.28 35.02 46.31
C PRO A 121 -16.37 35.00 45.08
N GLU A 122 -16.37 36.11 44.36
CA GLU A 122 -15.59 36.25 43.13
C GLU A 122 -14.14 35.79 43.27
N ASP A 123 -13.46 36.31 44.28
CA ASP A 123 -12.07 35.95 44.50
C ASP A 123 -11.85 34.44 44.52
N LYS A 124 -12.76 33.71 45.15
CA LYS A 124 -12.63 32.25 45.21
C LYS A 124 -12.87 31.65 43.82
N ILE A 125 -13.74 32.29 43.03
CA ILE A 125 -14.03 31.80 41.69
C ILE A 125 -12.77 31.93 40.83
N ILE A 126 -12.16 33.11 40.89
CA ILE A 126 -10.94 33.40 40.12
C ILE A 126 -9.81 32.48 40.55
N GLN A 127 -9.62 32.40 41.87
CA GLN A 127 -8.58 31.57 42.46
C GLN A 127 -8.65 30.12 42.00
N VAL A 128 -9.82 29.52 42.16
CA VAL A 128 -10.02 28.12 41.79
C VAL A 128 -9.90 27.88 40.29
N MET A 129 -10.26 28.88 39.50
CA MET A 129 -10.18 28.73 38.06
C MET A 129 -8.73 28.82 37.59
N LYS A 130 -7.92 29.59 38.31
CA LYS A 130 -6.52 29.71 37.94
C LYS A 130 -5.82 28.38 38.18
N GLU A 131 -6.40 27.57 39.05
CA GLU A 131 -5.85 26.25 39.39
C GLU A 131 -5.99 25.25 38.25
N PHE A 132 -6.95 25.50 37.37
CA PHE A 132 -7.16 24.59 36.26
C PHE A 132 -6.34 24.94 35.03
N GLU A 133 -5.40 25.87 35.19
CA GLU A 133 -4.52 26.25 34.09
C GLU A 133 -3.34 25.29 34.09
N GLY A 134 -2.95 24.84 32.90
CA GLY A 134 -1.82 23.92 32.78
C GLY A 134 -2.29 22.50 32.55
N GLU A 135 -1.43 21.54 32.82
CA GLU A 135 -1.78 20.14 32.64
C GLU A 135 -2.80 19.72 33.68
N ILE A 136 -3.95 19.24 33.23
CA ILE A 136 -5.00 18.82 34.13
C ILE A 136 -5.49 17.42 33.79
N ILE A 137 -6.19 16.81 34.74
CA ILE A 137 -6.72 15.47 34.55
C ILE A 137 -8.18 15.58 34.16
N GLN A 138 -8.51 14.99 33.02
CA GLN A 138 -9.87 15.04 32.53
C GLN A 138 -10.22 13.75 31.80
N ARG A 139 -11.10 12.95 32.38
CA ARG A 139 -11.53 11.70 31.77
C ARG A 139 -12.51 12.00 30.64
N PRO A 140 -12.44 11.25 29.52
CA PRO A 140 -13.33 11.46 28.38
C PRO A 140 -14.80 11.23 28.72
N PRO A 141 -15.71 11.83 27.94
CA PRO A 141 -17.15 11.69 28.15
C PRO A 141 -17.68 10.27 27.97
N LEU A 142 -19.00 10.12 28.12
CA LEU A 142 -19.65 8.81 28.00
C LEU A 142 -19.84 8.43 26.53
N ARG A 143 -19.84 9.43 25.67
CA ARG A 143 -20.04 9.22 24.24
C ARG A 143 -18.76 8.77 23.52
N SER A 144 -17.62 9.32 23.92
CA SER A 144 -16.36 8.99 23.27
C SER A 144 -15.59 7.83 23.87
N ALA A 145 -14.91 7.10 22.99
CA ALA A 145 -14.07 5.96 23.37
C ALA A 145 -14.82 4.83 24.08
N VAL A 146 -14.21 3.64 24.03
CA VAL A 146 -14.77 2.46 24.67
C VAL A 146 -13.90 2.17 25.90
N LYS A 147 -12.97 3.09 26.17
CA LYS A 147 -12.07 3.00 27.32
C LYS A 147 -12.03 4.37 27.98
N ARG A 148 -12.92 4.57 28.93
CA ARG A 148 -13.05 5.85 29.63
C ARG A 148 -11.94 6.08 30.65
N ARG A 149 -10.69 5.89 30.23
CA ARG A 149 -9.56 6.10 31.12
C ARG A 149 -9.28 7.59 31.25
N LEU A 150 -8.92 8.01 32.45
CA LEU A 150 -8.61 9.42 32.69
C LEU A 150 -7.21 9.74 32.19
N ARG A 151 -7.11 10.81 31.41
CA ARG A 151 -5.83 11.25 30.87
C ARG A 151 -5.64 12.71 31.25
N THR A 152 -4.55 13.31 30.79
CA THR A 152 -4.30 14.70 31.09
C THR A 152 -4.48 15.53 29.81
N ARG A 153 -4.72 16.82 29.98
CA ARG A 153 -4.90 17.70 28.83
C ARG A 153 -4.40 19.07 29.25
N LYS A 154 -3.93 19.86 28.30
CA LYS A 154 -3.43 21.17 28.63
C LYS A 154 -4.44 22.31 28.47
N VAL A 155 -4.55 23.12 29.50
CA VAL A 155 -5.39 24.29 29.47
C VAL A 155 -4.33 25.39 29.40
N TYR A 156 -4.14 25.96 28.22
CA TYR A 156 -3.13 27.01 28.04
C TYR A 156 -3.42 28.26 28.85
N TYR A 157 -4.69 28.53 29.10
CA TYR A 157 -5.07 29.70 29.88
C TYR A 157 -6.57 29.79 30.12
N ILE A 158 -6.91 30.42 31.23
CA ILE A 158 -8.29 30.64 31.62
C ILE A 158 -8.38 32.10 32.06
N GLU A 159 -9.26 32.86 31.42
CA GLU A 159 -9.44 34.27 31.72
C GLU A 159 -10.91 34.59 31.98
N VAL A 160 -11.24 34.94 33.23
CA VAL A 160 -12.60 35.27 33.59
C VAL A 160 -12.89 36.65 33.01
N LEU A 161 -13.98 36.77 32.27
CA LEU A 161 -14.35 38.04 31.64
C LEU A 161 -15.32 38.87 32.46
N GLU A 162 -16.46 38.27 32.81
CA GLU A 162 -17.46 38.98 33.58
C GLU A 162 -18.24 38.06 34.48
N ILE A 163 -18.71 38.60 35.60
CA ILE A 163 -19.49 37.84 36.55
C ILE A 163 -20.80 38.56 36.85
N GLU A 164 -21.91 37.92 36.52
CA GLU A 164 -23.23 38.48 36.78
C GLU A 164 -24.00 37.42 37.51
N GLY A 165 -24.45 37.74 38.73
CA GLY A 165 -25.16 36.76 39.52
C GLY A 165 -24.28 35.51 39.61
N ARG A 166 -24.86 34.36 39.32
CA ARG A 166 -24.12 33.11 39.37
C ARG A 166 -23.57 32.76 37.99
N ASP A 167 -23.72 33.68 37.05
CA ASP A 167 -23.22 33.48 35.69
C ASP A 167 -21.80 33.97 35.55
N VAL A 168 -20.92 33.09 35.11
CA VAL A 168 -19.51 33.43 34.93
C VAL A 168 -19.08 33.27 33.47
N LEU A 169 -18.72 34.39 32.84
CA LEU A 169 -18.27 34.36 31.46
C LEU A 169 -16.74 34.33 31.46
N PHE A 170 -16.15 33.42 30.71
CA PHE A 170 -14.70 33.31 30.64
C PHE A 170 -14.17 32.83 29.30
N ARG A 171 -12.93 33.18 29.01
CA ARG A 171 -12.28 32.77 27.76
C ARG A 171 -11.30 31.67 28.15
N VAL A 172 -11.25 30.61 27.34
CA VAL A 172 -10.36 29.51 27.65
C VAL A 172 -9.64 28.94 26.42
N GLY A 173 -8.31 28.78 26.52
CA GLY A 173 -7.49 28.23 25.45
C GLY A 173 -7.05 26.84 25.84
N VAL A 174 -7.29 25.86 24.96
CA VAL A 174 -6.97 24.47 25.30
C VAL A 174 -6.47 23.62 24.13
N GLU A 175 -5.82 22.50 24.43
CA GLU A 175 -5.34 21.62 23.38
C GLU A 175 -6.54 20.78 22.98
N ALA A 176 -6.51 20.24 21.76
CA ALA A 176 -7.61 19.42 21.25
C ALA A 176 -7.98 18.32 22.24
N GLY A 177 -9.25 17.92 22.23
CA GLY A 177 -9.68 16.86 23.12
C GLY A 177 -10.10 17.32 24.51
N THR A 178 -10.00 18.62 24.78
CA THR A 178 -10.39 19.15 26.08
C THR A 178 -11.87 19.53 26.03
N TYR A 179 -12.68 18.94 26.89
CA TYR A 179 -14.10 19.27 26.89
C TYR A 179 -14.41 20.41 27.87
N ILE A 180 -14.86 21.53 27.32
CA ILE A 180 -15.18 22.69 28.13
C ILE A 180 -16.25 22.35 29.14
N ARG A 181 -17.22 21.55 28.71
CA ARG A 181 -18.32 21.13 29.58
C ARG A 181 -17.79 20.44 30.85
N SER A 182 -16.84 19.52 30.68
CA SER A 182 -16.26 18.81 31.82
C SER A 182 -15.50 19.77 32.69
N LEU A 183 -14.72 20.64 32.05
CA LEU A 183 -13.94 21.63 32.76
C LEU A 183 -14.83 22.43 33.71
N ILE A 184 -15.96 22.91 33.21
CA ILE A 184 -16.86 23.70 34.03
C ILE A 184 -17.49 22.84 35.12
N HIS A 185 -17.86 21.62 34.79
CA HIS A 185 -18.44 20.72 35.78
C HIS A 185 -17.46 20.50 36.94
N HIS A 186 -16.19 20.31 36.59
CA HIS A 186 -15.16 20.08 37.59
C HIS A 186 -14.96 21.31 38.45
N ILE A 187 -15.03 22.48 37.82
CA ILE A 187 -14.88 23.73 38.56
C ILE A 187 -16.00 23.80 39.59
N GLY A 188 -17.18 23.34 39.20
CA GLY A 188 -18.34 23.35 40.08
C GLY A 188 -18.10 22.49 41.32
N LEU A 189 -17.47 21.35 41.12
CA LEU A 189 -17.17 20.45 42.22
C LEU A 189 -16.11 21.09 43.10
N ALA A 190 -15.08 21.63 42.46
CA ALA A 190 -13.99 22.28 43.19
C ALA A 190 -14.52 23.40 44.10
N LEU A 191 -15.57 24.09 43.63
CA LEU A 191 -16.18 25.18 44.39
C LEU A 191 -17.30 24.67 45.30
N GLY A 192 -17.56 23.37 45.24
CA GLY A 192 -18.58 22.78 46.08
C GLY A 192 -20.04 22.97 45.68
N VAL A 193 -20.42 24.18 45.29
CA VAL A 193 -21.81 24.44 44.91
C VAL A 193 -22.28 23.80 43.62
N GLY A 194 -21.35 23.48 42.74
CA GLY A 194 -21.71 22.87 41.47
C GLY A 194 -21.98 23.91 40.39
N ALA A 195 -21.90 23.48 39.13
CA ALA A 195 -22.10 24.38 38.01
C ALA A 195 -22.25 23.58 36.73
N HIS A 196 -22.73 24.24 35.68
CA HIS A 196 -22.87 23.59 34.39
C HIS A 196 -22.65 24.64 33.30
N MET A 197 -22.30 24.18 32.11
CA MET A 197 -22.05 25.07 30.99
C MET A 197 -23.40 25.46 30.40
N SER A 198 -23.70 26.75 30.38
CA SER A 198 -24.98 27.19 29.85
C SER A 198 -24.89 27.65 28.40
N GLU A 199 -23.71 28.07 27.97
CA GLU A 199 -23.53 28.54 26.60
C GLU A 199 -22.06 28.39 26.19
N LEU A 200 -21.83 28.16 24.89
CA LEU A 200 -20.47 27.98 24.40
C LEU A 200 -20.28 28.45 22.96
N ARG A 201 -19.13 29.08 22.70
CA ARG A 201 -18.80 29.57 21.37
C ARG A 201 -17.29 29.44 21.11
N ARG A 202 -16.91 28.87 19.97
CA ARG A 202 -15.49 28.75 19.64
C ARG A 202 -14.96 29.98 18.91
N THR A 203 -13.89 30.55 19.44
CA THR A 203 -13.30 31.75 18.85
C THR A 203 -11.99 31.51 18.09
N ARG A 204 -11.42 30.32 18.24
CA ARG A 204 -10.17 29.99 17.54
C ARG A 204 -10.03 28.48 17.39
N SER A 205 -9.64 28.06 16.20
CA SER A 205 -9.43 26.65 15.93
C SER A 205 -8.18 26.62 15.06
N GLY A 206 -7.05 26.27 15.65
CA GLY A 206 -5.80 26.26 14.90
C GLY A 206 -5.50 27.68 14.43
N PRO A 207 -5.23 27.87 13.14
CA PRO A 207 -4.92 29.19 12.58
C PRO A 207 -6.16 30.04 12.26
N PHE A 208 -7.34 29.45 12.40
CA PHE A 208 -8.58 30.16 12.12
C PHE A 208 -9.12 30.86 13.36
N LYS A 209 -9.45 32.14 13.21
CA LYS A 209 -9.99 32.90 14.34
C LYS A 209 -11.04 33.89 13.89
N GLU A 210 -11.60 34.63 14.84
CA GLU A 210 -12.61 35.63 14.53
C GLU A 210 -11.98 36.89 13.97
N ASP A 211 -11.87 36.94 12.65
CA ASP A 211 -11.32 38.10 11.97
C ASP A 211 -12.16 38.33 10.71
N GLU A 212 -11.67 39.15 9.80
CA GLU A 212 -12.40 39.45 8.58
C GLU A 212 -12.74 38.24 7.71
N THR A 213 -12.00 37.14 7.87
CA THR A 213 -12.29 35.96 7.05
C THR A 213 -13.43 35.10 7.59
N LEU A 214 -13.82 35.31 8.85
CA LEU A 214 -14.89 34.52 9.43
C LEU A 214 -16.20 34.91 8.77
N ILE A 215 -16.88 33.93 8.18
CA ILE A 215 -18.13 34.22 7.47
C ILE A 215 -19.29 33.28 7.84
N THR A 216 -20.51 33.79 7.78
CA THR A 216 -21.69 32.97 8.10
C THR A 216 -22.22 32.30 6.84
N LEU A 217 -23.14 31.37 7.03
CA LEU A 217 -23.78 30.64 5.94
C LEU A 217 -24.61 31.60 5.07
N HIS A 218 -25.15 32.64 5.70
CA HIS A 218 -25.94 33.63 4.98
C HIS A 218 -25.02 34.39 4.03
N ASP A 219 -23.86 34.80 4.52
CA ASP A 219 -22.90 35.53 3.70
C ASP A 219 -22.41 34.60 2.60
N LEU A 220 -22.12 33.36 2.97
CA LEU A 220 -21.62 32.37 2.00
C LEU A 220 -22.55 32.23 0.81
N VAL A 221 -23.82 31.91 1.07
CA VAL A 221 -24.78 31.74 0.01
C VAL A 221 -24.94 32.98 -0.85
N ASP A 222 -25.07 34.13 -0.20
CA ASP A 222 -25.24 35.39 -0.92
C ASP A 222 -24.05 35.70 -1.81
N TYR A 223 -22.84 35.61 -1.26
CA TYR A 223 -21.65 35.88 -2.07
C TYR A 223 -21.60 34.91 -3.24
N TYR A 224 -22.02 33.68 -2.99
CA TYR A 224 -22.05 32.67 -4.03
C TYR A 224 -22.97 33.20 -5.11
N TYR A 225 -24.20 33.54 -4.73
CA TYR A 225 -25.17 34.08 -5.69
C TYR A 225 -24.60 35.26 -6.48
N PHE A 226 -23.89 36.16 -5.80
CA PHE A 226 -23.32 37.31 -6.50
C PHE A 226 -22.40 36.83 -7.62
N TRP A 227 -21.59 35.81 -7.33
CA TRP A 227 -20.68 35.27 -8.33
C TRP A 227 -21.46 34.56 -9.45
N LYS A 228 -22.35 33.66 -9.06
CA LYS A 228 -23.13 32.91 -10.05
C LYS A 228 -24.11 33.75 -10.88
N GLU A 229 -24.89 34.60 -10.23
CA GLU A 229 -25.87 35.43 -10.94
C GLU A 229 -25.32 36.71 -11.55
N ASP A 230 -24.64 37.51 -10.75
CA ASP A 230 -24.09 38.80 -11.20
C ASP A 230 -22.67 38.75 -11.78
N GLY A 231 -22.03 37.59 -11.70
CA GLY A 231 -20.68 37.48 -12.23
C GLY A 231 -19.62 38.20 -11.42
N ILE A 232 -19.90 38.43 -10.14
CA ILE A 232 -18.96 39.10 -9.24
C ILE A 232 -18.18 38.04 -8.46
N GLU A 233 -16.87 37.98 -8.69
CA GLU A 233 -16.01 37.00 -8.04
C GLU A 233 -15.35 37.46 -6.73
N GLU A 234 -15.07 38.76 -6.63
CA GLU A 234 -14.40 39.30 -5.46
C GLU A 234 -14.93 38.86 -4.09
N TYR A 235 -16.23 38.91 -3.89
CA TYR A 235 -16.80 38.53 -2.59
C TYR A 235 -16.71 37.04 -2.28
N PHE A 236 -17.09 36.20 -3.23
CA PHE A 236 -17.03 34.77 -3.01
C PHE A 236 -15.57 34.35 -2.86
N ARG A 237 -14.68 34.97 -3.63
CA ARG A 237 -13.26 34.62 -3.54
C ARG A 237 -12.74 34.85 -2.13
N LYS A 238 -13.12 35.97 -1.52
CA LYS A 238 -12.65 36.27 -0.17
C LYS A 238 -13.30 35.43 0.91
N ALA A 239 -14.41 34.80 0.59
CA ALA A 239 -15.10 33.97 1.56
C ALA A 239 -14.39 32.64 1.70
N ILE A 240 -13.44 32.38 0.80
CA ILE A 240 -12.70 31.13 0.81
C ILE A 240 -11.21 31.35 0.99
N GLN A 241 -10.65 30.74 2.03
CA GLN A 241 -9.22 30.87 2.29
C GLN A 241 -8.50 29.77 1.51
N PRO A 242 -7.26 30.07 1.07
CA PRO A 242 -6.47 29.07 0.33
C PRO A 242 -6.03 28.03 1.35
N MET A 243 -5.98 26.77 0.93
CA MET A 243 -5.59 25.69 1.84
C MET A 243 -4.35 26.01 2.68
N GLU A 244 -3.42 26.79 2.12
CA GLU A 244 -2.21 27.17 2.84
C GLU A 244 -2.54 27.78 4.21
N LYS A 245 -3.67 28.45 4.31
CA LYS A 245 -4.07 29.06 5.57
C LYS A 245 -4.28 27.98 6.64
N ALA A 246 -4.86 26.85 6.22
CA ALA A 246 -5.15 25.75 7.13
C ALA A 246 -3.91 25.10 7.71
N VAL A 247 -2.75 25.48 7.20
CA VAL A 247 -1.49 24.89 7.64
C VAL A 247 -0.52 25.89 8.31
N GLU A 248 -0.98 27.12 8.50
CA GLU A 248 -0.18 28.18 9.11
C GLU A 248 0.41 27.88 10.49
N HIS A 249 -0.31 27.09 11.28
CA HIS A 249 0.13 26.74 12.63
C HIS A 249 1.10 25.55 12.66
N LEU A 250 1.32 24.91 11.53
CA LEU A 250 2.20 23.74 11.49
C LEU A 250 3.67 24.05 11.20
N PRO A 251 4.58 23.24 11.76
CA PRO A 251 5.99 23.50 11.47
C PRO A 251 6.17 23.13 9.99
N LYS A 252 6.96 23.91 9.26
CA LYS A 252 7.15 23.67 7.84
C LYS A 252 8.54 23.31 7.36
N VAL A 253 8.62 22.79 6.15
CA VAL A 253 9.88 22.48 5.50
C VAL A 253 9.69 22.97 4.07
N TRP A 254 10.56 23.86 3.63
CA TRP A 254 10.43 24.41 2.29
C TRP A 254 11.39 23.63 1.42
N ILE A 255 10.87 23.06 0.34
CA ILE A 255 11.65 22.22 -0.55
C ILE A 255 11.89 22.76 -1.96
N LYS A 256 12.98 22.27 -2.56
CA LYS A 256 13.37 22.68 -3.91
C LYS A 256 12.36 22.18 -4.92
N ASP A 257 12.33 22.83 -6.08
CA ASP A 257 11.42 22.48 -7.16
C ASP A 257 11.48 20.99 -7.52
N SER A 258 12.69 20.45 -7.65
CA SER A 258 12.84 19.04 -8.03
C SER A 258 12.23 18.13 -6.98
N ALA A 259 12.33 18.54 -5.71
CA ALA A 259 11.74 17.78 -4.62
C ALA A 259 10.22 17.87 -4.71
N VAL A 260 9.70 19.04 -5.10
CA VAL A 260 8.26 19.20 -5.22
C VAL A 260 7.78 18.24 -6.31
N ALA A 261 8.48 18.25 -7.44
CA ALA A 261 8.12 17.37 -8.54
C ALA A 261 8.17 15.91 -8.09
N ALA A 262 9.15 15.57 -7.26
CA ALA A 262 9.28 14.20 -6.77
C ALA A 262 8.09 13.83 -5.87
N VAL A 263 7.82 14.67 -4.87
CA VAL A 263 6.72 14.43 -3.95
C VAL A 263 5.35 14.38 -4.64
N THR A 264 5.09 15.29 -5.57
CA THR A 264 3.79 15.28 -6.26
C THR A 264 3.73 14.09 -7.20
N HIS A 265 4.80 13.31 -7.25
CA HIS A 265 4.82 12.13 -8.10
C HIS A 265 5.03 10.86 -7.29
N GLY A 266 4.56 10.89 -6.04
CA GLY A 266 4.62 9.73 -5.18
C GLY A 266 5.81 9.47 -4.27
N ALA A 267 6.89 10.22 -4.42
CA ALA A 267 8.05 10.00 -3.57
C ALA A 267 7.85 10.69 -2.22
N ASP A 268 8.67 10.31 -1.24
CA ASP A 268 8.60 10.94 0.07
C ASP A 268 9.57 12.13 0.01
N LEU A 269 9.59 12.95 1.05
CA LEU A 269 10.49 14.10 1.05
C LEU A 269 11.91 13.72 1.43
N ALA A 270 12.83 13.86 0.47
CA ALA A 270 14.23 13.53 0.73
C ALA A 270 14.91 14.64 1.50
N VAL A 271 15.83 14.26 2.38
CA VAL A 271 16.58 15.20 3.17
C VAL A 271 17.25 16.26 2.28
N PRO A 272 17.99 15.83 1.23
CA PRO A 272 18.65 16.80 0.36
C PRO A 272 17.68 17.65 -0.46
N GLY A 273 16.39 17.35 -0.35
CA GLY A 273 15.40 18.12 -1.07
C GLY A 273 14.97 19.34 -0.28
N ILE A 274 15.38 19.39 0.99
CA ILE A 274 15.02 20.50 1.87
C ILE A 274 15.95 21.70 1.69
N ALA A 275 15.34 22.88 1.50
CA ALA A 275 16.06 24.13 1.34
C ALA A 275 16.16 24.84 2.69
N LYS A 276 15.05 24.83 3.41
CA LYS A 276 14.99 25.41 4.75
C LYS A 276 13.79 24.82 5.47
N LEU A 277 13.84 24.83 6.81
CA LEU A 277 12.79 24.26 7.64
C LEU A 277 12.73 24.94 8.98
N HIS A 278 11.61 24.74 9.68
CA HIS A 278 11.41 25.29 11.02
C HIS A 278 12.17 24.44 12.04
N ALA A 279 12.62 25.06 13.12
CA ALA A 279 13.31 24.33 14.17
C ALA A 279 12.25 23.73 15.08
N GLY A 280 12.67 22.85 15.98
CA GLY A 280 11.74 22.27 16.92
C GLY A 280 10.99 21.05 16.43
N ILE A 281 11.18 20.66 15.17
CA ILE A 281 10.49 19.49 14.68
C ILE A 281 11.05 18.24 15.33
N LYS A 282 10.16 17.41 15.86
CA LYS A 282 10.56 16.16 16.50
C LYS A 282 10.05 15.00 15.66
N ARG A 283 10.73 13.86 15.71
CA ARG A 283 10.28 12.72 14.92
C ARG A 283 8.82 12.41 15.29
N GLY A 284 8.00 12.17 14.27
CA GLY A 284 6.60 11.87 14.51
C GLY A 284 5.69 13.08 14.36
N ASP A 285 6.25 14.29 14.39
CA ASP A 285 5.46 15.51 14.26
C ASP A 285 4.85 15.68 12.87
N LEU A 286 3.64 16.23 12.83
CA LEU A 286 2.96 16.50 11.57
C LEU A 286 3.58 17.76 11.00
N VAL A 287 3.99 17.71 9.74
CA VAL A 287 4.60 18.89 9.14
C VAL A 287 3.99 19.25 7.78
N ALA A 288 3.96 20.53 7.47
CA ALA A 288 3.45 20.98 6.17
C ALA A 288 4.65 21.11 5.22
N ILE A 289 4.58 20.40 4.10
CA ILE A 289 5.63 20.43 3.07
C ILE A 289 5.29 21.55 2.11
N MET A 290 6.12 22.58 2.14
CA MET A 290 5.92 23.77 1.33
C MET A 290 6.89 23.99 0.18
N THR A 291 6.37 24.69 -0.81
CA THR A 291 7.07 25.06 -2.01
C THR A 291 7.85 26.34 -1.64
N LEU A 292 8.84 26.70 -2.46
CA LEU A 292 9.62 27.92 -2.22
C LEU A 292 8.78 29.16 -2.49
N LYS A 293 7.58 28.96 -3.02
CA LYS A 293 6.66 30.06 -3.30
C LYS A 293 5.53 30.01 -2.25
N ASP A 294 5.74 29.23 -1.21
CA ASP A 294 4.76 29.06 -0.14
C ASP A 294 3.43 28.43 -0.53
N GLU A 295 3.47 27.42 -1.37
CA GLU A 295 2.26 26.70 -1.77
C GLU A 295 2.35 25.42 -0.96
N LEU A 296 1.18 24.91 -0.54
CA LEU A 296 1.16 23.68 0.22
C LEU A 296 1.28 22.49 -0.73
N VAL A 297 2.28 21.65 -0.51
CA VAL A 297 2.45 20.49 -1.37
C VAL A 297 1.81 19.26 -0.74
N ALA A 298 2.06 19.07 0.54
CA ALA A 298 1.56 17.91 1.25
C ALA A 298 1.71 18.00 2.74
N LEU A 299 1.06 17.07 3.43
CA LEU A 299 1.16 16.94 4.88
C LEU A 299 1.94 15.64 5.06
N GLY A 300 2.76 15.58 6.11
CA GLY A 300 3.51 14.38 6.38
C GLY A 300 3.95 14.26 7.82
N LYS A 301 4.54 13.12 8.16
CA LYS A 301 5.03 12.86 9.50
C LYS A 301 6.56 12.95 9.43
N ALA A 302 7.14 13.69 10.37
CA ALA A 302 8.58 13.88 10.42
C ALA A 302 9.30 12.58 10.81
N MET A 303 10.28 12.19 10.01
CA MET A 303 11.05 10.96 10.27
C MET A 303 12.28 11.23 11.13
N MET A 304 12.57 12.50 11.35
CA MET A 304 13.73 12.87 12.14
C MET A 304 13.53 14.28 12.66
N THR A 305 14.39 14.71 13.57
CA THR A 305 14.31 16.05 14.15
C THR A 305 14.83 17.10 13.16
N SER A 306 14.51 18.36 13.45
CA SER A 306 14.95 19.47 12.62
C SER A 306 16.47 19.41 12.46
N GLN A 307 17.16 19.29 13.58
CA GLN A 307 18.61 19.21 13.57
C GLN A 307 19.18 18.11 12.70
N GLU A 308 18.47 16.99 12.59
CA GLU A 308 18.95 15.90 11.75
C GLU A 308 18.69 16.23 10.28
N MET A 309 17.52 16.81 10.01
CA MET A 309 17.19 17.17 8.63
C MET A 309 18.19 18.20 8.15
N LEU A 310 18.60 19.09 9.06
CA LEU A 310 19.54 20.15 8.74
C LEU A 310 20.93 19.66 8.38
N GLU A 311 21.47 18.76 9.19
CA GLU A 311 22.81 18.27 8.97
C GLU A 311 22.98 17.03 8.08
N LYS A 312 21.93 16.23 7.95
CA LYS A 312 22.04 15.02 7.14
C LYS A 312 22.24 15.23 5.65
N THR A 313 22.81 14.22 5.01
CA THR A 313 23.10 14.31 3.60
C THR A 313 22.12 13.54 2.76
N LYS A 314 21.48 12.53 3.35
CA LYS A 314 20.54 11.72 2.59
C LYS A 314 19.48 11.04 3.44
N GLY A 315 18.57 10.32 2.79
CA GLY A 315 17.50 9.65 3.50
C GLY A 315 16.18 10.39 3.41
N ILE A 316 15.18 9.92 4.14
CA ILE A 316 13.87 10.54 4.11
C ILE A 316 13.64 11.46 5.28
N ALA A 317 13.39 12.73 4.99
CA ALA A 317 13.12 13.70 6.06
C ALA A 317 11.66 13.57 6.51
N VAL A 318 10.75 13.47 5.55
CA VAL A 318 9.34 13.39 5.89
C VAL A 318 8.54 12.35 5.10
N ASP A 319 7.78 11.56 5.84
CA ASP A 319 6.93 10.51 5.28
C ASP A 319 5.62 11.16 4.85
N VAL A 320 5.41 11.29 3.54
CA VAL A 320 4.22 11.94 3.01
C VAL A 320 2.92 11.16 3.23
N GLU A 321 1.96 11.80 3.87
CA GLU A 321 0.69 11.13 4.13
C GLU A 321 -0.44 11.52 3.18
N LYS A 322 -0.37 12.74 2.66
CA LYS A 322 -1.38 13.24 1.74
C LYS A 322 -0.80 14.34 0.87
N VAL A 323 -0.94 14.17 -0.44
CA VAL A 323 -0.46 15.14 -1.40
C VAL A 323 -1.64 15.98 -1.89
N PHE A 324 -1.51 17.31 -1.82
CA PHE A 324 -2.58 18.20 -2.28
C PHE A 324 -2.30 18.78 -3.66
N MET A 325 -1.04 19.09 -3.92
CA MET A 325 -0.62 19.68 -5.17
C MET A 325 -0.73 18.71 -6.34
N PRO A 326 -1.40 19.14 -7.43
CA PRO A 326 -1.59 18.33 -8.64
C PRO A 326 -0.24 18.12 -9.32
N ARG A 327 -0.11 17.01 -10.04
CA ARG A 327 1.13 16.69 -10.74
C ARG A 327 1.59 17.68 -11.81
N ASP A 328 0.66 18.38 -12.46
CA ASP A 328 1.05 19.31 -13.51
C ASP A 328 1.73 20.58 -13.02
N TRP A 329 1.60 20.90 -11.73
CA TRP A 329 2.30 22.04 -11.16
C TRP A 329 3.64 21.35 -10.86
N TYR A 330 4.74 21.92 -11.33
CA TYR A 330 6.06 21.29 -11.10
C TYR A 330 6.12 19.90 -11.75
N PRO A 331 6.17 19.87 -13.08
CA PRO A 331 6.23 18.65 -13.91
C PRO A 331 7.52 17.82 -13.83
N LYS A 332 7.42 16.60 -14.37
CA LYS A 332 8.50 15.62 -14.43
C LYS A 332 8.86 15.05 -13.06
N LEU A 333 9.37 13.83 -13.05
CA LEU A 333 9.75 13.13 -11.82
C LEU A 333 10.82 13.85 -10.99
N ARG B 8 15.49 -15.56 -31.49
CA ARG B 8 15.42 -14.89 -30.20
C ARG B 8 16.06 -15.74 -29.11
N ILE B 9 15.59 -15.60 -27.88
CA ILE B 9 16.10 -16.36 -26.75
C ILE B 9 15.00 -16.40 -25.70
N LEU B 10 15.31 -16.88 -24.51
CA LEU B 10 14.26 -16.91 -23.48
C LEU B 10 14.08 -15.50 -22.94
N PRO B 11 12.82 -15.11 -22.72
CA PRO B 11 12.45 -13.79 -22.21
C PRO B 11 13.19 -13.41 -20.93
N ALA B 12 13.45 -14.41 -20.09
CA ALA B 12 14.14 -14.18 -18.83
C ALA B 12 15.58 -13.70 -19.02
N ASP B 13 16.16 -13.97 -20.17
CA ASP B 13 17.53 -13.56 -20.45
C ASP B 13 17.64 -12.14 -20.97
N ILE B 14 16.50 -11.49 -21.18
CA ILE B 14 16.51 -10.12 -21.66
C ILE B 14 16.51 -9.12 -20.51
N LYS B 15 17.52 -8.25 -20.48
CA LYS B 15 17.64 -7.25 -19.42
C LYS B 15 16.40 -6.36 -19.31
N ARG B 16 16.13 -5.88 -18.10
CA ARG B 16 15.00 -5.00 -17.86
C ARG B 16 15.52 -3.68 -17.29
N GLU B 17 15.05 -2.56 -17.82
CA GLU B 17 15.47 -1.26 -17.32
C GLU B 17 14.86 -1.00 -15.94
N VAL B 18 15.63 -0.40 -15.05
CA VAL B 18 15.14 -0.09 -13.71
C VAL B 18 14.80 1.39 -13.61
N LEU B 19 13.55 1.68 -13.27
CA LEU B 19 13.09 3.06 -13.11
C LEU B 19 13.12 3.41 -11.64
N ILE B 20 13.47 4.66 -11.35
CA ILE B 20 13.56 5.13 -9.96
C ILE B 20 12.42 6.10 -9.62
N LYS B 21 11.61 5.75 -8.64
CA LYS B 21 10.51 6.62 -8.23
C LYS B 21 10.95 7.47 -7.02
N ASP B 22 11.65 6.85 -6.08
CA ASP B 22 12.12 7.55 -4.89
C ASP B 22 13.61 7.25 -4.69
N GLU B 23 14.46 8.18 -5.14
CA GLU B 23 15.92 8.01 -5.04
C GLU B 23 16.52 7.94 -3.64
N ASN B 24 15.81 8.44 -2.64
CA ASN B 24 16.37 8.46 -1.28
C ASN B 24 15.82 7.47 -0.28
N ALA B 25 15.00 6.54 -0.75
CA ALA B 25 14.44 5.56 0.17
C ALA B 25 15.63 4.81 0.77
N GLU B 26 15.53 4.51 2.06
CA GLU B 26 16.57 3.78 2.77
C GLU B 26 15.94 2.63 3.53
N THR B 27 16.74 1.61 3.79
CA THR B 27 16.23 0.45 4.50
C THR B 27 16.93 0.27 5.84
N ASN B 28 16.15 -0.03 6.86
CA ASN B 28 16.65 -0.24 8.22
C ASN B 28 17.38 -1.59 8.26
N PRO B 29 18.68 -1.56 8.60
CA PRO B 29 19.51 -2.77 8.68
C PRO B 29 19.02 -3.78 9.72
N ASP B 30 18.27 -3.28 10.69
CA ASP B 30 17.76 -4.14 11.77
C ASP B 30 16.56 -4.99 11.37
N TRP B 31 15.87 -4.61 10.29
CA TRP B 31 14.71 -5.36 9.89
C TRP B 31 14.93 -6.29 8.70
N GLY B 32 14.10 -7.33 8.65
CA GLY B 32 14.16 -8.29 7.57
C GLY B 32 15.23 -9.35 7.71
N PHE B 33 15.17 -10.33 6.82
CA PHE B 33 16.15 -11.41 6.80
C PHE B 33 16.58 -11.69 5.36
N PRO B 34 17.66 -11.03 4.90
CA PRO B 34 18.11 -11.29 3.54
C PRO B 34 18.52 -12.77 3.55
N PRO B 35 18.55 -13.42 2.39
CA PRO B 35 18.94 -14.84 2.31
C PRO B 35 20.15 -15.28 3.14
N GLU B 36 21.27 -14.58 2.98
CA GLU B 36 22.48 -14.95 3.69
C GLU B 36 22.42 -14.82 5.21
N LYS B 37 21.35 -14.23 5.73
CA LYS B 37 21.24 -14.06 7.18
C LYS B 37 20.19 -14.95 7.82
N ARG B 38 19.62 -15.85 7.03
CA ARG B 38 18.60 -16.75 7.56
C ARG B 38 19.21 -18.04 8.08
N PRO B 39 18.75 -18.51 9.26
CA PRO B 39 19.27 -19.76 9.83
C PRO B 39 18.61 -20.86 9.01
N ILE B 40 19.21 -22.04 8.93
CA ILE B 40 18.63 -23.11 8.11
C ILE B 40 17.14 -23.37 8.28
N GLU B 41 16.65 -23.43 9.51
CA GLU B 41 15.22 -23.67 9.70
C GLU B 41 14.43 -22.67 8.84
N MET B 42 14.74 -21.39 9.01
CA MET B 42 14.06 -20.34 8.27
C MET B 42 14.32 -20.49 6.76
N HIS B 43 15.59 -20.74 6.43
CA HIS B 43 16.00 -20.92 5.05
C HIS B 43 15.12 -22.00 4.38
N ILE B 44 14.82 -23.06 5.12
CA ILE B 44 13.98 -24.15 4.61
C ILE B 44 12.54 -23.69 4.41
N GLN B 45 12.01 -22.97 5.41
CA GLN B 45 10.64 -22.45 5.37
C GLN B 45 10.40 -21.58 4.13
N PHE B 46 11.44 -20.91 3.65
CA PHE B 46 11.32 -20.03 2.48
C PHE B 46 12.29 -20.46 1.38
N GLY B 47 12.37 -21.76 1.16
CA GLY B 47 13.30 -22.27 0.15
C GLY B 47 12.66 -23.00 -1.01
N VAL B 48 13.44 -23.13 -2.08
CA VAL B 48 13.00 -23.80 -3.29
C VAL B 48 14.16 -24.68 -3.75
N ILE B 49 13.89 -25.94 -4.04
CA ILE B 49 14.94 -26.84 -4.49
C ILE B 49 14.96 -26.89 -6.01
N ASN B 50 16.13 -26.68 -6.59
CA ASN B 50 16.29 -26.78 -8.03
C ASN B 50 16.58 -28.28 -8.21
N LEU B 51 15.52 -29.06 -8.27
CA LEU B 51 15.64 -30.51 -8.37
C LEU B 51 15.83 -31.04 -9.78
N ASP B 52 16.62 -32.11 -9.90
CA ASP B 52 16.83 -32.76 -11.18
C ASP B 52 15.91 -33.97 -11.12
N LYS B 53 14.71 -33.84 -11.68
CA LYS B 53 13.76 -34.95 -11.65
C LYS B 53 14.25 -36.16 -12.43
N PRO B 54 14.11 -37.36 -11.84
CA PRO B 54 14.53 -38.61 -12.48
C PRO B 54 13.38 -39.17 -13.31
N PRO B 55 13.70 -39.87 -14.41
CA PRO B 55 12.60 -40.42 -15.20
C PRO B 55 11.92 -41.50 -14.38
N GLY B 56 10.60 -41.63 -14.52
CA GLY B 56 9.88 -42.64 -13.75
C GLY B 56 8.70 -42.12 -12.93
N PRO B 57 8.96 -41.42 -11.82
CA PRO B 57 7.85 -40.92 -11.01
C PRO B 57 7.17 -39.71 -11.63
N THR B 58 5.94 -39.43 -11.22
CA THR B 58 5.25 -38.25 -11.72
C THR B 58 5.76 -37.11 -10.86
N SER B 59 5.59 -35.87 -11.33
CA SER B 59 6.04 -34.72 -10.56
C SER B 59 5.35 -34.68 -9.20
N HIS B 60 4.10 -35.15 -9.16
CA HIS B 60 3.32 -35.17 -7.93
C HIS B 60 3.99 -36.14 -6.95
N GLU B 61 4.42 -37.29 -7.47
CA GLU B 61 5.08 -38.31 -6.65
C GLU B 61 6.37 -37.77 -6.03
N VAL B 62 7.18 -37.10 -6.83
CA VAL B 62 8.45 -36.57 -6.33
C VAL B 62 8.23 -35.57 -5.19
N VAL B 63 7.25 -34.70 -5.35
CA VAL B 63 6.96 -33.72 -4.31
C VAL B 63 6.57 -34.47 -3.03
N ALA B 64 5.78 -35.53 -3.19
CA ALA B 64 5.35 -36.34 -2.03
C ALA B 64 6.58 -36.95 -1.34
N TRP B 65 7.56 -37.36 -2.14
CA TRP B 65 8.80 -37.97 -1.62
C TRP B 65 9.61 -36.95 -0.82
N ILE B 66 9.72 -35.75 -1.37
CA ILE B 66 10.48 -34.70 -0.71
C ILE B 66 9.82 -34.29 0.61
N LYS B 67 8.50 -34.26 0.63
CA LYS B 67 7.78 -33.89 1.86
C LYS B 67 8.02 -34.91 2.96
N LYS B 68 8.04 -36.19 2.59
CA LYS B 68 8.27 -37.24 3.57
C LYS B 68 9.71 -37.25 4.06
N ILE B 69 10.66 -37.28 3.13
CA ILE B 69 12.08 -37.30 3.49
C ILE B 69 12.51 -36.11 4.34
N LEU B 70 12.01 -34.92 4.01
CA LEU B 70 12.38 -33.73 4.76
C LEU B 70 11.37 -33.39 5.84
N ASN B 71 10.37 -34.26 6.02
CA ASN B 71 9.33 -34.04 7.02
C ASN B 71 8.76 -32.63 6.97
N LEU B 72 8.17 -32.28 5.83
CA LEU B 72 7.58 -30.96 5.65
C LEU B 72 6.06 -31.04 5.54
N GLU B 73 5.39 -29.98 5.94
CA GLU B 73 3.94 -29.89 5.89
C GLU B 73 3.43 -29.58 4.47
N LYS B 74 4.18 -28.74 3.75
CA LYS B 74 3.78 -28.33 2.41
C LYS B 74 4.94 -28.19 1.40
N ALA B 75 4.62 -28.39 0.12
CA ALA B 75 5.56 -28.27 -0.97
C ALA B 75 4.78 -28.27 -2.30
N GLY B 76 5.41 -27.81 -3.37
CA GLY B 76 4.75 -27.79 -4.66
C GLY B 76 5.80 -27.65 -5.74
N HIS B 77 5.50 -28.10 -6.97
CA HIS B 77 6.48 -28.01 -8.07
C HIS B 77 6.13 -26.91 -9.07
N GLY B 78 7.15 -26.44 -9.80
CA GLY B 78 6.93 -25.37 -10.74
C GLY B 78 6.93 -25.73 -12.22
N GLY B 79 6.07 -26.66 -12.59
CA GLY B 79 5.97 -27.06 -13.98
C GLY B 79 5.96 -28.57 -14.12
N THR B 80 4.77 -29.13 -14.31
CA THR B 80 4.63 -30.56 -14.46
C THR B 80 5.57 -31.15 -15.51
N LEU B 81 6.24 -32.22 -15.15
CA LEU B 81 7.12 -32.93 -16.07
C LEU B 81 6.56 -34.34 -16.11
N ASP B 82 6.28 -34.84 -17.30
CA ASP B 82 5.74 -36.18 -17.45
C ASP B 82 6.66 -37.21 -16.84
N PRO B 83 6.11 -38.38 -16.44
CA PRO B 83 6.85 -39.47 -15.83
C PRO B 83 8.20 -39.81 -16.46
N LYS B 84 8.23 -39.95 -17.78
CA LYS B 84 9.48 -40.27 -18.48
C LYS B 84 10.47 -39.11 -18.62
N VAL B 85 9.98 -37.88 -18.41
CA VAL B 85 10.82 -36.71 -18.56
C VAL B 85 11.66 -36.37 -17.32
N SER B 86 12.90 -35.96 -17.53
CA SER B 86 13.80 -35.62 -16.44
C SER B 86 14.20 -34.15 -16.51
N GLY B 87 14.99 -33.70 -15.52
CA GLY B 87 15.43 -32.32 -15.54
C GLY B 87 14.88 -31.37 -14.49
N VAL B 88 15.19 -30.10 -14.71
CA VAL B 88 14.80 -29.04 -13.80
C VAL B 88 13.35 -29.11 -13.34
N LEU B 89 13.19 -29.35 -12.04
CA LEU B 89 11.87 -29.42 -11.42
C LEU B 89 11.93 -28.58 -10.15
N PRO B 90 11.68 -27.27 -10.27
CA PRO B 90 11.73 -26.41 -9.09
C PRO B 90 10.69 -26.91 -8.09
N VAL B 91 11.10 -27.11 -6.85
CA VAL B 91 10.18 -27.58 -5.83
C VAL B 91 10.23 -26.62 -4.66
N ALA B 92 9.17 -25.81 -4.53
CA ALA B 92 9.06 -24.81 -3.47
C ALA B 92 8.58 -25.49 -2.19
N LEU B 93 9.13 -25.06 -1.05
CA LEU B 93 8.81 -25.68 0.22
C LEU B 93 8.08 -24.83 1.24
N GLU B 94 7.32 -25.51 2.10
CA GLU B 94 6.58 -24.88 3.20
C GLU B 94 5.96 -23.53 2.86
N LYS B 95 6.36 -22.51 3.62
CA LYS B 95 5.82 -21.17 3.43
C LYS B 95 6.05 -20.57 2.04
N ALA B 96 6.96 -21.13 1.25
CA ALA B 96 7.22 -20.59 -0.08
C ALA B 96 6.52 -21.38 -1.17
N THR B 97 5.70 -22.34 -0.78
CA THR B 97 4.99 -23.19 -1.75
C THR B 97 4.22 -22.47 -2.86
N ARG B 98 3.53 -21.38 -2.51
CA ARG B 98 2.78 -20.60 -3.49
C ARG B 98 3.68 -19.91 -4.51
N VAL B 99 4.99 -19.85 -4.23
CA VAL B 99 5.86 -19.18 -5.17
C VAL B 99 5.89 -19.84 -6.54
N VAL B 100 5.43 -21.09 -6.63
CA VAL B 100 5.41 -21.76 -7.92
C VAL B 100 4.53 -21.00 -8.89
N GLN B 101 3.56 -20.28 -8.34
CA GLN B 101 2.65 -19.48 -9.18
C GLN B 101 3.45 -18.66 -10.18
N ALA B 102 4.69 -18.32 -9.80
CA ALA B 102 5.57 -17.53 -10.66
C ALA B 102 6.30 -18.35 -11.72
N LEU B 103 6.48 -19.63 -11.45
CA LEU B 103 7.21 -20.51 -12.36
C LEU B 103 6.37 -21.21 -13.42
N LEU B 104 5.16 -21.62 -13.05
CA LEU B 104 4.29 -22.31 -13.99
C LEU B 104 4.16 -21.61 -15.35
N PRO B 105 4.04 -20.27 -15.36
CA PRO B 105 3.92 -19.52 -16.62
C PRO B 105 5.24 -19.16 -17.33
N ALA B 106 6.38 -19.44 -16.68
CA ALA B 106 7.70 -19.11 -17.24
C ALA B 106 8.13 -19.94 -18.45
N GLY B 107 8.98 -19.35 -19.28
CA GLY B 107 9.48 -20.04 -20.46
C GLY B 107 10.31 -21.25 -20.08
N LYS B 108 10.37 -22.24 -20.94
CA LYS B 108 11.15 -23.46 -20.66
C LYS B 108 12.14 -23.80 -21.76
N GLU B 109 13.12 -24.64 -21.41
CA GLU B 109 14.06 -25.11 -22.39
C GLU B 109 14.21 -26.61 -22.21
N TYR B 110 14.29 -27.32 -23.33
CA TYR B 110 14.44 -28.75 -23.30
C TYR B 110 15.50 -29.20 -24.29
N VAL B 111 16.01 -30.41 -24.06
CA VAL B 111 16.93 -31.04 -24.98
C VAL B 111 16.09 -32.25 -25.31
N ALA B 112 15.73 -32.40 -26.56
CA ALA B 112 14.89 -33.52 -26.94
C ALA B 112 15.55 -34.40 -27.98
N LEU B 113 15.11 -35.65 -28.00
CA LEU B 113 15.60 -36.61 -28.95
C LEU B 113 14.43 -37.01 -29.83
N MET B 114 14.46 -36.61 -31.08
CA MET B 114 13.41 -36.92 -32.03
C MET B 114 13.82 -38.08 -32.92
N HIS B 115 12.93 -39.04 -33.07
CA HIS B 115 13.21 -40.18 -33.93
C HIS B 115 12.37 -40.11 -35.20
N LEU B 116 13.03 -39.84 -36.32
CA LEU B 116 12.37 -39.74 -37.61
C LEU B 116 12.01 -41.12 -38.10
N HIS B 117 10.81 -41.24 -38.69
CA HIS B 117 10.34 -42.52 -39.22
C HIS B 117 10.89 -42.76 -40.62
N GLY B 118 11.82 -41.93 -41.05
CA GLY B 118 12.39 -42.08 -42.37
C GLY B 118 13.72 -41.35 -42.50
N ASP B 119 14.33 -41.47 -43.68
CA ASP B 119 15.62 -40.87 -43.95
C ASP B 119 15.51 -39.57 -44.74
N VAL B 120 16.06 -38.50 -44.19
CA VAL B 120 15.99 -37.19 -44.84
C VAL B 120 17.30 -36.40 -44.69
N PRO B 121 17.65 -35.61 -45.71
CA PRO B 121 18.88 -34.79 -45.69
C PRO B 121 18.95 -33.90 -44.45
N GLU B 122 20.11 -33.90 -43.80
CA GLU B 122 20.32 -33.11 -42.60
C GLU B 122 19.99 -31.64 -42.78
N ASP B 123 20.36 -31.08 -43.94
CA ASP B 123 20.09 -29.68 -44.22
C ASP B 123 18.60 -29.39 -44.35
N LYS B 124 17.82 -30.39 -44.76
CA LYS B 124 16.39 -30.22 -44.90
C LYS B 124 15.78 -30.23 -43.51
N ILE B 125 16.25 -31.17 -42.68
CA ILE B 125 15.77 -31.28 -41.31
C ILE B 125 15.97 -29.93 -40.63
N ILE B 126 17.13 -29.35 -40.86
CA ILE B 126 17.47 -28.07 -40.27
C ILE B 126 16.60 -26.91 -40.75
N GLN B 127 16.30 -26.87 -42.05
CA GLN B 127 15.48 -25.77 -42.54
C GLN B 127 14.02 -25.85 -42.09
N VAL B 128 13.50 -27.07 -42.00
CA VAL B 128 12.11 -27.23 -41.58
C VAL B 128 11.97 -26.86 -40.11
N MET B 129 12.93 -27.29 -39.30
CA MET B 129 12.89 -26.99 -37.88
C MET B 129 13.02 -25.50 -37.63
N LYS B 130 13.84 -24.82 -38.43
CA LYS B 130 13.99 -23.38 -38.29
C LYS B 130 12.63 -22.71 -38.50
N GLU B 131 11.78 -23.34 -39.32
CA GLU B 131 10.46 -22.81 -39.61
C GLU B 131 9.54 -22.80 -38.39
N PHE B 132 9.78 -23.71 -37.45
CA PHE B 132 8.94 -23.76 -36.26
C PHE B 132 9.40 -22.79 -35.17
N GLU B 133 10.27 -21.87 -35.55
CA GLU B 133 10.74 -20.85 -34.63
C GLU B 133 9.73 -19.72 -34.74
N GLY B 134 9.38 -19.12 -33.61
CA GLY B 134 8.42 -18.05 -33.62
C GLY B 134 7.07 -18.53 -33.15
N GLU B 135 6.03 -17.79 -33.50
CA GLU B 135 4.68 -18.14 -33.11
C GLU B 135 4.20 -19.29 -33.98
N ILE B 136 3.80 -20.39 -33.36
CA ILE B 136 3.31 -21.52 -34.13
C ILE B 136 1.94 -21.93 -33.63
N ILE B 137 1.19 -22.59 -34.50
CA ILE B 137 -0.14 -23.05 -34.16
C ILE B 137 0.01 -24.42 -33.56
N GLN B 138 -0.51 -24.61 -32.35
CA GLN B 138 -0.42 -25.90 -31.69
C GLN B 138 -1.69 -26.20 -30.88
N ARG B 139 -2.42 -27.23 -31.29
CA ARG B 139 -3.63 -27.60 -30.57
C ARG B 139 -3.35 -28.41 -29.31
N PRO B 140 -4.02 -28.07 -28.20
CA PRO B 140 -3.83 -28.77 -26.92
C PRO B 140 -4.11 -30.28 -27.04
N PRO B 141 -3.51 -31.09 -26.16
CA PRO B 141 -3.68 -32.54 -26.14
C PRO B 141 -5.09 -33.04 -25.79
N LEU B 142 -5.29 -34.36 -25.91
CA LEU B 142 -6.59 -34.96 -25.62
C LEU B 142 -6.98 -34.81 -24.17
N ARG B 143 -5.98 -34.73 -23.28
CA ARG B 143 -6.22 -34.60 -21.85
C ARG B 143 -6.52 -33.16 -21.42
N SER B 144 -6.53 -32.24 -22.38
CA SER B 144 -6.78 -30.82 -22.12
C SER B 144 -8.10 -30.52 -21.41
N ALA B 145 -8.03 -29.64 -20.42
CA ALA B 145 -9.20 -29.24 -19.65
C ALA B 145 -10.16 -28.40 -20.49
N VAL B 146 -9.61 -27.62 -21.41
CA VAL B 146 -10.41 -26.76 -22.29
C VAL B 146 -10.64 -27.43 -23.65
N LYS B 147 -11.56 -26.86 -24.42
CA LYS B 147 -11.86 -27.39 -25.75
C LYS B 147 -10.57 -27.37 -26.55
N ARG B 148 -10.37 -28.39 -27.38
CA ARG B 148 -9.16 -28.49 -28.19
C ARG B 148 -9.19 -27.64 -29.46
N ARG B 149 -9.10 -26.33 -29.29
CA ARG B 149 -9.12 -25.43 -30.43
C ARG B 149 -7.71 -24.95 -30.77
N LEU B 150 -7.47 -24.71 -32.05
CA LEU B 150 -6.18 -24.23 -32.50
C LEU B 150 -5.77 -22.99 -31.70
N ARG B 151 -4.58 -23.05 -31.10
CA ARG B 151 -4.06 -21.93 -30.33
C ARG B 151 -2.60 -21.73 -30.69
N THR B 152 -2.06 -20.56 -30.39
CA THR B 152 -0.68 -20.26 -30.71
C THR B 152 0.24 -20.26 -29.50
N ARG B 153 1.48 -20.69 -29.73
CA ARG B 153 2.47 -20.73 -28.67
C ARG B 153 3.78 -20.30 -29.33
N LYS B 154 4.66 -19.68 -28.54
CA LYS B 154 5.93 -19.23 -29.06
C LYS B 154 7.07 -20.22 -28.88
N VAL B 155 7.81 -20.45 -29.96
CA VAL B 155 8.99 -21.29 -29.92
C VAL B 155 10.12 -20.28 -30.05
N TYR B 156 10.82 -20.03 -28.95
CA TYR B 156 11.90 -19.04 -28.96
C TYR B 156 13.10 -19.38 -29.80
N TYR B 157 13.47 -20.66 -29.84
CA TYR B 157 14.59 -21.11 -30.66
C TYR B 157 14.67 -22.63 -30.70
N ILE B 158 15.30 -23.12 -31.76
CA ILE B 158 15.50 -24.55 -31.98
C ILE B 158 16.92 -24.69 -32.51
N GLU B 159 17.70 -25.56 -31.87
CA GLU B 159 19.08 -25.78 -32.31
C GLU B 159 19.33 -27.28 -32.41
N VAL B 160 19.62 -27.75 -33.62
CA VAL B 160 19.89 -29.17 -33.82
C VAL B 160 21.31 -29.38 -33.30
N LEU B 161 21.46 -30.35 -32.40
CA LEU B 161 22.76 -30.61 -31.81
C LEU B 161 23.50 -31.76 -32.48
N GLU B 162 22.81 -32.88 -32.70
CA GLU B 162 23.43 -34.02 -33.34
C GLU B 162 22.45 -34.93 -34.04
N ILE B 163 22.93 -35.53 -35.12
CA ILE B 163 22.13 -36.46 -35.91
C ILE B 163 22.85 -37.79 -35.91
N GLU B 164 22.15 -38.85 -35.54
CA GLU B 164 22.73 -40.18 -35.52
C GLU B 164 21.67 -41.07 -36.16
N GLY B 165 21.84 -41.33 -37.46
CA GLY B 165 20.86 -42.13 -38.17
C GLY B 165 19.59 -41.30 -38.25
N ARG B 166 18.47 -41.89 -37.84
CA ARG B 166 17.19 -41.19 -37.85
C ARG B 166 16.92 -40.48 -36.53
N ASP B 167 17.93 -40.42 -35.67
CA ASP B 167 17.81 -39.75 -34.38
C ASP B 167 18.32 -38.33 -34.47
N VAL B 168 17.50 -37.38 -34.02
CA VAL B 168 17.89 -35.99 -34.05
C VAL B 168 17.81 -35.40 -32.65
N LEU B 169 18.98 -35.07 -32.12
CA LEU B 169 19.07 -34.47 -30.80
C LEU B 169 19.06 -32.96 -30.99
N PHE B 170 18.17 -32.28 -30.27
CA PHE B 170 18.13 -30.83 -30.40
C PHE B 170 17.71 -30.15 -29.10
N ARG B 171 17.93 -28.84 -29.02
CA ARG B 171 17.55 -28.08 -27.85
C ARG B 171 16.49 -27.11 -28.32
N VAL B 172 15.53 -26.79 -27.46
CA VAL B 172 14.46 -25.87 -27.84
C VAL B 172 13.99 -25.03 -26.67
N GLY B 173 13.76 -23.74 -26.94
CA GLY B 173 13.29 -22.81 -25.92
C GLY B 173 11.85 -22.47 -26.29
N VAL B 174 10.94 -22.62 -25.32
CA VAL B 174 9.53 -22.38 -25.59
C VAL B 174 8.75 -21.72 -24.46
N GLU B 175 7.64 -21.12 -24.84
CA GLU B 175 6.74 -20.46 -23.92
C GLU B 175 6.00 -21.58 -23.17
N ALA B 176 5.58 -21.30 -21.93
CA ALA B 176 4.84 -22.28 -21.15
C ALA B 176 3.59 -22.72 -21.93
N GLY B 177 3.25 -23.99 -21.83
CA GLY B 177 2.08 -24.50 -22.53
C GLY B 177 2.36 -25.08 -23.90
N THR B 178 3.63 -25.16 -24.25
CA THR B 178 4.06 -25.69 -25.55
C THR B 178 4.48 -27.14 -25.36
N TYR B 179 3.81 -28.06 -26.04
CA TYR B 179 4.15 -29.47 -25.92
C TYR B 179 5.20 -29.90 -26.94
N ILE B 180 6.35 -30.29 -26.44
CA ILE B 180 7.45 -30.73 -27.31
C ILE B 180 7.00 -31.95 -28.12
N ARG B 181 6.27 -32.86 -27.48
CA ARG B 181 5.79 -34.06 -28.16
C ARG B 181 5.05 -33.68 -29.44
N SER B 182 4.07 -32.78 -29.31
CA SER B 182 3.30 -32.34 -30.46
C SER B 182 4.19 -31.64 -31.46
N LEU B 183 5.09 -30.79 -30.97
CA LEU B 183 6.03 -30.07 -31.83
C LEU B 183 6.78 -31.07 -32.72
N ILE B 184 7.25 -32.15 -32.12
CA ILE B 184 8.00 -33.16 -32.87
C ILE B 184 7.10 -33.90 -33.85
N HIS B 185 5.87 -34.18 -33.44
CA HIS B 185 4.91 -34.85 -34.30
C HIS B 185 4.70 -34.00 -35.57
N HIS B 186 4.50 -32.70 -35.37
CA HIS B 186 4.28 -31.79 -36.50
C HIS B 186 5.51 -31.67 -37.38
N ILE B 187 6.69 -31.64 -36.79
CA ILE B 187 7.90 -31.53 -37.57
C ILE B 187 7.96 -32.76 -38.46
N GLY B 188 7.52 -33.88 -37.90
CA GLY B 188 7.52 -35.13 -38.64
C GLY B 188 6.62 -35.05 -39.86
N LEU B 189 5.42 -34.50 -39.66
CA LEU B 189 4.48 -34.36 -40.76
C LEU B 189 5.03 -33.38 -41.77
N ALA B 190 5.62 -32.28 -41.30
CA ALA B 190 6.18 -31.29 -42.20
C ALA B 190 7.25 -31.91 -43.11
N LEU B 191 7.96 -32.90 -42.60
CA LEU B 191 9.01 -33.57 -43.36
C LEU B 191 8.40 -34.72 -44.14
N GLY B 192 7.18 -35.11 -43.77
CA GLY B 192 6.50 -36.19 -44.45
C GLY B 192 6.76 -37.59 -43.90
N VAL B 193 8.01 -37.92 -43.64
CA VAL B 193 8.34 -39.25 -43.14
C VAL B 193 7.77 -39.58 -41.77
N GLY B 194 7.44 -38.54 -40.99
CA GLY B 194 6.88 -38.76 -39.66
C GLY B 194 7.96 -38.82 -38.61
N ALA B 195 7.57 -38.65 -37.34
CA ALA B 195 8.51 -38.68 -36.24
C ALA B 195 7.81 -38.73 -34.91
N HIS B 196 8.57 -39.05 -33.87
CA HIS B 196 8.02 -39.10 -32.51
C HIS B 196 9.15 -38.82 -31.52
N MET B 197 8.77 -38.27 -30.37
CA MET B 197 9.72 -37.93 -29.33
C MET B 197 10.08 -39.22 -28.61
N SER B 198 11.37 -39.49 -28.47
CA SER B 198 11.80 -40.73 -27.82
C SER B 198 12.43 -40.43 -26.48
N GLU B 199 12.92 -39.21 -26.31
CA GLU B 199 13.55 -38.81 -25.06
C GLU B 199 13.39 -37.31 -24.85
N LEU B 200 13.18 -36.91 -23.60
CA LEU B 200 13.02 -35.51 -23.26
C LEU B 200 13.57 -35.17 -21.87
N ARG B 201 14.30 -34.07 -21.79
CA ARG B 201 14.87 -33.58 -20.55
C ARG B 201 14.70 -32.07 -20.53
N ARG B 202 14.26 -31.53 -19.39
CA ARG B 202 14.10 -30.10 -19.28
C ARG B 202 15.37 -29.52 -18.69
N THR B 203 15.97 -28.59 -19.43
CA THR B 203 17.20 -27.96 -19.01
C THR B 203 16.99 -26.60 -18.38
N ARG B 204 15.78 -26.06 -18.48
CA ARG B 204 15.45 -24.76 -17.90
C ARG B 204 13.95 -24.59 -17.63
N SER B 205 13.65 -23.92 -16.52
CA SER B 205 12.29 -23.63 -16.12
C SER B 205 12.40 -22.29 -15.41
N GLY B 206 11.95 -21.24 -16.07
CA GLY B 206 12.03 -19.92 -15.49
C GLY B 206 13.48 -19.56 -15.25
N PRO B 207 13.84 -19.14 -14.02
CA PRO B 207 15.20 -18.78 -13.66
C PRO B 207 16.09 -19.97 -13.28
N PHE B 208 15.49 -21.14 -13.14
CA PHE B 208 16.24 -22.33 -12.77
C PHE B 208 16.85 -23.02 -13.98
N LYS B 209 18.11 -23.45 -13.85
CA LYS B 209 18.77 -24.14 -14.96
C LYS B 209 19.83 -25.12 -14.48
N GLU B 210 20.48 -25.79 -15.42
CA GLU B 210 21.51 -26.77 -15.07
C GLU B 210 22.82 -26.09 -14.69
N ASP B 211 22.99 -25.84 -13.40
CA ASP B 211 24.20 -25.20 -12.89
C ASP B 211 24.57 -25.85 -11.58
N GLU B 212 25.43 -25.19 -10.81
CA GLU B 212 25.89 -25.74 -9.53
C GLU B 212 24.75 -26.02 -8.53
N THR B 213 23.62 -25.34 -8.67
CA THR B 213 22.52 -25.56 -7.74
C THR B 213 21.60 -26.75 -8.09
N LEU B 214 21.71 -27.26 -9.31
CA LEU B 214 20.86 -28.39 -9.72
C LEU B 214 21.21 -29.56 -8.81
N ILE B 215 20.20 -30.19 -8.21
CA ILE B 215 20.49 -31.30 -7.30
C ILE B 215 19.57 -32.51 -7.45
N THR B 216 20.14 -33.70 -7.28
CA THR B 216 19.38 -34.94 -7.39
C THR B 216 18.76 -35.32 -6.04
N LEU B 217 17.77 -36.20 -6.08
CA LEU B 217 17.11 -36.64 -4.85
C LEU B 217 18.12 -37.34 -3.96
N HIS B 218 19.04 -38.08 -4.57
CA HIS B 218 20.06 -38.81 -3.82
C HIS B 218 20.91 -37.84 -3.02
N ASP B 219 21.46 -36.83 -3.70
CA ASP B 219 22.29 -35.82 -3.06
C ASP B 219 21.49 -35.01 -2.05
N LEU B 220 20.23 -34.75 -2.38
CA LEU B 220 19.35 -33.98 -1.51
C LEU B 220 19.15 -34.70 -0.18
N VAL B 221 18.81 -35.99 -0.24
CA VAL B 221 18.60 -36.75 0.97
C VAL B 221 19.92 -36.96 1.72
N ASP B 222 21.01 -37.21 0.98
CA ASP B 222 22.32 -37.40 1.61
C ASP B 222 22.76 -36.15 2.37
N TYR B 223 22.60 -34.98 1.76
CA TYR B 223 23.01 -33.75 2.42
C TYR B 223 22.12 -33.52 3.64
N TYR B 224 20.86 -33.91 3.51
CA TYR B 224 19.95 -33.75 4.63
C TYR B 224 20.56 -34.55 5.77
N TYR B 225 20.95 -35.78 5.47
CA TYR B 225 21.56 -36.66 6.46
C TYR B 225 22.83 -36.09 7.07
N PHE B 226 23.69 -35.51 6.24
CA PHE B 226 24.93 -34.93 6.74
C PHE B 226 24.59 -33.85 7.78
N TRP B 227 23.53 -33.10 7.53
CA TRP B 227 23.12 -32.06 8.47
C TRP B 227 22.61 -32.69 9.75
N LYS B 228 21.59 -33.52 9.63
CA LYS B 228 21.00 -34.17 10.79
C LYS B 228 21.84 -35.20 11.53
N GLU B 229 22.75 -35.89 10.84
CA GLU B 229 23.56 -36.90 11.51
C GLU B 229 24.97 -36.42 11.84
N ASP B 230 25.59 -35.70 10.91
CA ASP B 230 26.94 -35.20 11.09
C ASP B 230 26.99 -33.74 11.54
N GLY B 231 25.82 -33.17 11.83
CA GLY B 231 25.77 -31.78 12.27
C GLY B 231 26.35 -30.79 11.28
N ILE B 232 26.57 -31.22 10.04
CA ILE B 232 27.12 -30.34 9.02
C ILE B 232 25.94 -29.84 8.17
N GLU B 233 25.60 -28.56 8.31
CA GLU B 233 24.48 -28.01 7.56
C GLU B 233 24.87 -27.39 6.22
N GLU B 234 26.17 -27.16 6.03
CA GLU B 234 26.66 -26.52 4.82
C GLU B 234 26.12 -27.08 3.51
N TYR B 235 26.21 -28.40 3.31
CA TYR B 235 25.74 -29.00 2.07
C TYR B 235 24.23 -28.93 1.86
N PHE B 236 23.46 -29.17 2.92
CA PHE B 236 22.01 -29.14 2.81
C PHE B 236 21.52 -27.71 2.54
N ARG B 237 22.14 -26.73 3.19
CA ARG B 237 21.76 -25.33 3.03
C ARG B 237 21.94 -24.92 1.58
N LYS B 238 23.04 -25.38 1.00
CA LYS B 238 23.39 -25.09 -0.38
C LYS B 238 22.51 -25.85 -1.39
N ALA B 239 21.79 -26.86 -0.90
CA ALA B 239 20.90 -27.64 -1.74
C ALA B 239 19.58 -26.90 -1.93
N ILE B 240 19.29 -25.99 -1.01
CA ILE B 240 18.05 -25.22 -1.06
C ILE B 240 18.32 -23.78 -1.49
N GLN B 241 17.58 -23.29 -2.49
CA GLN B 241 17.75 -21.92 -2.94
C GLN B 241 16.75 -21.04 -2.19
N PRO B 242 17.10 -19.77 -1.97
CA PRO B 242 16.18 -18.87 -1.27
C PRO B 242 15.01 -18.62 -2.23
N MET B 243 13.81 -18.40 -1.69
CA MET B 243 12.63 -18.19 -2.53
C MET B 243 12.81 -17.07 -3.56
N GLU B 244 13.70 -16.12 -3.26
CA GLU B 244 13.97 -15.01 -4.16
C GLU B 244 14.42 -15.52 -5.54
N LYS B 245 15.06 -16.67 -5.59
CA LYS B 245 15.52 -17.20 -6.87
C LYS B 245 14.35 -17.51 -7.79
N ALA B 246 13.24 -17.93 -7.18
CA ALA B 246 12.03 -18.30 -7.92
C ALA B 246 11.33 -17.14 -8.66
N VAL B 247 11.67 -15.90 -8.34
CA VAL B 247 11.03 -14.76 -9.03
C VAL B 247 12.04 -13.91 -9.79
N GLU B 248 13.26 -14.41 -9.92
CA GLU B 248 14.33 -13.71 -10.62
C GLU B 248 13.99 -13.36 -12.08
N HIS B 249 13.03 -14.06 -12.65
CA HIS B 249 12.63 -13.83 -14.04
C HIS B 249 11.47 -12.85 -14.18
N LEU B 250 10.82 -12.53 -13.06
CA LEU B 250 9.67 -11.63 -13.12
C LEU B 250 10.01 -10.15 -13.01
N PRO B 251 9.13 -9.29 -13.55
CA PRO B 251 9.42 -7.88 -13.44
C PRO B 251 9.22 -7.59 -11.95
N LYS B 252 10.08 -6.77 -11.37
CA LYS B 252 9.96 -6.49 -9.96
C LYS B 252 9.60 -5.05 -9.65
N VAL B 253 9.25 -4.85 -8.38
CA VAL B 253 8.91 -3.55 -7.83
C VAL B 253 9.55 -3.60 -6.44
N TRP B 254 10.48 -2.68 -6.21
CA TRP B 254 11.19 -2.58 -4.94
C TRP B 254 10.47 -1.51 -4.11
N ILE B 255 10.05 -1.88 -2.91
CA ILE B 255 9.30 -0.98 -2.07
C ILE B 255 9.95 -0.57 -0.75
N LYS B 256 9.49 0.56 -0.22
CA LYS B 256 10.00 1.10 1.04
C LYS B 256 9.60 0.22 2.22
N ASP B 257 10.39 0.31 3.29
CA ASP B 257 10.14 -0.46 4.50
C ASP B 257 8.70 -0.33 5.04
N SER B 258 8.18 0.89 5.05
CA SER B 258 6.83 1.09 5.57
C SER B 258 5.79 0.37 4.72
N ALA B 259 6.02 0.31 3.42
CA ALA B 259 5.11 -0.37 2.52
C ALA B 259 5.26 -1.89 2.75
N VAL B 260 6.46 -2.33 3.11
CA VAL B 260 6.65 -3.75 3.38
C VAL B 260 5.78 -4.08 4.58
N ALA B 261 5.85 -3.23 5.60
CA ALA B 261 5.05 -3.44 6.80
C ALA B 261 3.57 -3.49 6.44
N ALA B 262 3.12 -2.54 5.62
CA ALA B 262 1.70 -2.53 5.24
C ALA B 262 1.32 -3.80 4.49
N VAL B 263 2.06 -4.15 3.44
CA VAL B 263 1.72 -5.34 2.67
C VAL B 263 1.74 -6.60 3.51
N THR B 264 2.72 -6.73 4.41
CA THR B 264 2.78 -7.93 5.22
C THR B 264 1.66 -7.93 6.25
N HIS B 265 0.93 -6.82 6.33
CA HIS B 265 -0.18 -6.75 7.27
C HIS B 265 -1.53 -6.64 6.58
N GLY B 266 -1.60 -7.24 5.38
CA GLY B 266 -2.84 -7.27 4.63
C GLY B 266 -3.18 -6.19 3.62
N ALA B 267 -2.40 -5.12 3.54
CA ALA B 267 -2.72 -4.07 2.59
C ALA B 267 -2.17 -4.37 1.18
N ASP B 268 -2.73 -3.72 0.16
CA ASP B 268 -2.22 -3.91 -1.19
C ASP B 268 -1.03 -2.94 -1.35
N LEU B 269 -0.28 -3.06 -2.43
CA LEU B 269 0.86 -2.17 -2.63
C LEU B 269 0.46 -0.83 -3.22
N ALA B 270 0.62 0.23 -2.44
CA ALA B 270 0.26 1.56 -2.90
C ALA B 270 1.38 2.15 -3.76
N VAL B 271 0.97 2.93 -4.76
CA VAL B 271 1.91 3.60 -5.66
C VAL B 271 3.01 4.35 -4.89
N PRO B 272 2.64 5.13 -3.86
CA PRO B 272 3.67 5.85 -3.10
C PRO B 272 4.61 4.97 -2.29
N GLY B 273 4.32 3.67 -2.24
CA GLY B 273 5.19 2.78 -1.50
C GLY B 273 6.35 2.30 -2.36
N ILE B 274 6.28 2.56 -3.66
CA ILE B 274 7.30 2.11 -4.59
C ILE B 274 8.53 3.00 -4.65
N ALA B 275 9.70 2.40 -4.48
CA ALA B 275 10.96 3.14 -4.56
C ALA B 275 11.57 2.99 -5.96
N LYS B 276 11.64 1.74 -6.44
CA LYS B 276 12.18 1.44 -7.75
C LYS B 276 11.30 0.37 -8.38
N LEU B 277 11.36 0.26 -9.70
CA LEU B 277 10.57 -0.75 -10.40
C LEU B 277 11.05 -0.99 -11.81
N HIS B 278 10.72 -2.15 -12.36
CA HIS B 278 11.12 -2.48 -13.72
C HIS B 278 10.21 -1.83 -14.72
N ALA B 279 10.78 -1.42 -15.84
CA ALA B 279 10.03 -0.83 -16.95
C ALA B 279 9.27 -1.98 -17.63
N GLY B 280 8.34 -1.64 -18.50
CA GLY B 280 7.61 -2.67 -19.23
C GLY B 280 6.46 -3.39 -18.56
N ILE B 281 6.15 -3.04 -17.32
CA ILE B 281 5.04 -3.72 -16.66
C ILE B 281 3.71 -3.28 -17.26
N LYS B 282 2.85 -4.25 -17.56
CA LYS B 282 1.54 -3.99 -18.12
C LYS B 282 0.45 -4.37 -17.11
N ARG B 283 -0.71 -3.73 -17.21
CA ARG B 283 -1.81 -4.03 -16.30
C ARG B 283 -2.17 -5.52 -16.38
N GLY B 284 -2.23 -6.18 -15.22
CA GLY B 284 -2.57 -7.59 -15.21
C GLY B 284 -1.38 -8.54 -15.15
N ASP B 285 -0.17 -7.98 -15.32
CA ASP B 285 1.08 -8.76 -15.27
C ASP B 285 1.42 -9.22 -13.86
N LEU B 286 1.99 -10.42 -13.76
CA LEU B 286 2.39 -10.95 -12.47
C LEU B 286 3.66 -10.18 -12.08
N VAL B 287 3.70 -9.73 -10.84
CA VAL B 287 4.83 -8.93 -10.35
C VAL B 287 5.39 -9.47 -9.04
N ALA B 288 6.71 -9.40 -8.88
CA ALA B 288 7.33 -9.82 -7.63
C ALA B 288 7.59 -8.52 -6.87
N ILE B 289 6.98 -8.40 -5.70
CA ILE B 289 7.13 -7.23 -4.85
C ILE B 289 8.33 -7.50 -3.95
N MET B 290 9.39 -6.71 -4.13
CA MET B 290 10.60 -6.91 -3.35
C MET B 290 10.89 -5.80 -2.35
N THR B 291 11.73 -6.17 -1.38
CA THR B 291 12.23 -5.31 -0.33
C THR B 291 13.48 -4.61 -0.87
N LEU B 292 13.89 -3.55 -0.17
CA LEU B 292 15.08 -2.78 -0.53
C LEU B 292 16.35 -3.62 -0.38
N LYS B 293 16.26 -4.67 0.43
CA LYS B 293 17.38 -5.59 0.66
C LYS B 293 17.22 -6.80 -0.26
N ASP B 294 16.34 -6.69 -1.24
CA ASP B 294 16.10 -7.80 -2.16
C ASP B 294 15.44 -9.06 -1.58
N GLU B 295 14.49 -8.87 -0.67
CA GLU B 295 13.75 -10.00 -0.10
C GLU B 295 12.41 -10.03 -0.82
N LEU B 296 11.91 -11.23 -1.06
CA LEU B 296 10.63 -11.39 -1.72
C LEU B 296 9.58 -11.15 -0.65
N VAL B 297 8.70 -10.18 -0.90
CA VAL B 297 7.65 -9.87 0.04
C VAL B 297 6.38 -10.61 -0.38
N ALA B 298 6.02 -10.44 -1.65
CA ALA B 298 4.80 -11.02 -2.15
C ALA B 298 4.69 -11.03 -3.67
N LEU B 299 3.70 -11.75 -4.15
CA LEU B 299 3.39 -11.82 -5.57
C LEU B 299 2.07 -11.07 -5.77
N GLY B 300 1.94 -10.39 -6.89
CA GLY B 300 0.70 -9.67 -7.15
C GLY B 300 0.51 -9.35 -8.61
N LYS B 301 -0.65 -8.78 -8.91
CA LYS B 301 -0.95 -8.40 -10.28
C LYS B 301 -1.00 -6.88 -10.36
N ALA B 302 -0.27 -6.35 -11.35
CA ALA B 302 -0.20 -4.91 -11.55
C ALA B 302 -1.57 -4.32 -11.90
N MET B 303 -1.91 -3.22 -11.25
CA MET B 303 -3.18 -2.55 -11.52
C MET B 303 -2.94 -1.46 -12.55
N MET B 304 -1.68 -1.25 -12.88
CA MET B 304 -1.32 -0.22 -13.85
C MET B 304 0.01 -0.55 -14.50
N THR B 305 0.40 0.26 -15.48
CA THR B 305 1.66 0.06 -16.19
C THR B 305 2.81 0.67 -15.38
N SER B 306 4.04 0.36 -15.78
CA SER B 306 5.20 0.90 -15.09
C SER B 306 5.19 2.42 -15.14
N GLN B 307 4.84 2.97 -16.29
CA GLN B 307 4.81 4.40 -16.49
C GLN B 307 3.82 5.07 -15.55
N GLU B 308 2.69 4.41 -15.32
CA GLU B 308 1.67 4.94 -14.43
C GLU B 308 2.16 4.87 -12.99
N MET B 309 2.72 3.74 -12.60
CA MET B 309 3.24 3.57 -11.23
C MET B 309 4.32 4.62 -10.97
N LEU B 310 5.13 4.90 -11.99
CA LEU B 310 6.18 5.87 -11.84
C LEU B 310 5.62 7.29 -11.68
N GLU B 311 4.60 7.61 -12.46
CA GLU B 311 4.00 8.93 -12.46
C GLU B 311 2.95 9.25 -11.39
N LYS B 312 2.12 8.29 -11.02
CA LYS B 312 1.07 8.54 -10.03
C LYS B 312 1.51 8.84 -8.60
N THR B 313 0.62 9.47 -7.84
CA THR B 313 0.91 9.84 -6.46
C THR B 313 0.16 9.01 -5.43
N LYS B 314 -0.93 8.37 -5.83
CA LYS B 314 -1.70 7.56 -4.88
C LYS B 314 -2.45 6.41 -5.58
N GLY B 315 -3.14 5.59 -4.79
CA GLY B 315 -3.87 4.49 -5.37
C GLY B 315 -3.08 3.19 -5.27
N ILE B 316 -3.68 2.11 -5.74
CA ILE B 316 -3.03 0.81 -5.67
C ILE B 316 -2.23 0.51 -6.92
N ALA B 317 -0.97 0.16 -6.75
CA ALA B 317 -0.11 -0.17 -7.88
C ALA B 317 -0.23 -1.65 -8.17
N VAL B 318 -0.17 -2.46 -7.13
CA VAL B 318 -0.26 -3.91 -7.29
C VAL B 318 -1.28 -4.55 -6.34
N ASP B 319 -2.14 -5.37 -6.90
CA ASP B 319 -3.14 -6.07 -6.12
C ASP B 319 -2.42 -7.34 -5.62
N VAL B 320 -2.18 -7.40 -4.31
CA VAL B 320 -1.47 -8.53 -3.73
C VAL B 320 -2.26 -9.82 -3.77
N GLU B 321 -1.62 -10.89 -4.23
CA GLU B 321 -2.28 -12.19 -4.30
C GLU B 321 -1.74 -13.15 -3.23
N LYS B 322 -0.45 -13.10 -2.98
CA LYS B 322 0.16 -13.96 -1.99
C LYS B 322 1.33 -13.28 -1.28
N VAL B 323 1.22 -13.21 0.05
CA VAL B 323 2.26 -12.62 0.85
C VAL B 323 3.08 -13.76 1.44
N PHE B 324 4.39 -13.75 1.21
CA PHE B 324 5.26 -14.78 1.74
C PHE B 324 5.98 -14.32 3.02
N MET B 325 6.39 -13.06 3.04
CA MET B 325 7.12 -12.50 4.18
C MET B 325 6.29 -12.41 5.46
N PRO B 326 6.80 -12.97 6.57
CA PRO B 326 6.10 -12.96 7.87
C PRO B 326 5.92 -11.52 8.38
N ARG B 327 4.94 -11.32 9.24
CA ARG B 327 4.61 -10.01 9.81
C ARG B 327 5.69 -9.35 10.69
N ASP B 328 6.47 -10.16 11.39
CA ASP B 328 7.50 -9.65 12.29
C ASP B 328 8.79 -9.15 11.64
N TRP B 329 9.06 -9.56 10.41
CA TRP B 329 10.27 -9.12 9.75
C TRP B 329 10.35 -7.59 9.70
N TYR B 330 9.27 -6.96 9.26
CA TYR B 330 9.18 -5.49 9.19
C TYR B 330 7.89 -5.16 9.95
N PRO B 331 8.00 -4.93 11.25
CA PRO B 331 6.89 -4.62 12.16
C PRO B 331 6.14 -3.29 11.95
N LYS B 332 5.01 -3.19 12.66
CA LYS B 332 4.11 -2.03 12.66
C LYS B 332 2.94 -2.19 11.69
N LEU B 333 1.73 -1.98 12.20
CA LEU B 333 0.50 -2.11 11.42
C LEU B 333 0.42 -1.19 10.19
N MET C 8 -1.96 3.19 55.29
CA MET C 8 -2.52 3.20 53.91
C MET C 8 -2.00 4.43 53.17
N LYS C 9 -2.64 4.73 52.03
CA LYS C 9 -2.27 5.89 51.24
C LYS C 9 -3.13 7.05 51.73
N ARG C 10 -2.48 8.01 52.39
CA ARG C 10 -3.19 9.15 52.95
C ARG C 10 -3.71 10.18 51.95
N LEU C 11 -3.23 11.42 52.07
CA LEU C 11 -3.66 12.50 51.21
C LEU C 11 -5.18 12.52 51.19
N GLY C 12 -5.72 13.04 52.30
CA GLY C 12 -7.16 13.12 52.46
C GLY C 12 -7.52 14.50 52.97
N LYS C 13 -8.43 14.56 53.93
CA LYS C 13 -8.89 15.84 54.49
C LYS C 13 -9.90 16.42 53.52
N VAL C 14 -11.17 16.11 53.74
CA VAL C 14 -12.26 16.58 52.88
C VAL C 14 -12.44 18.09 52.97
N LEU C 15 -12.48 18.72 51.81
CA LEU C 15 -12.66 20.16 51.74
C LEU C 15 -14.12 20.46 52.00
N HIS C 16 -15.00 19.66 51.40
CA HIS C 16 -16.43 19.85 51.57
C HIS C 16 -17.23 18.73 50.94
N TYR C 17 -18.55 18.80 51.14
CA TYR C 17 -19.45 17.84 50.56
C TYR C 17 -20.20 18.56 49.45
N ALA C 18 -19.66 18.49 48.24
CA ALA C 18 -20.26 19.16 47.08
C ALA C 18 -21.76 18.89 47.01
N LYS C 19 -22.53 19.95 46.73
CA LYS C 19 -23.98 19.85 46.65
C LYS C 19 -24.46 18.73 45.73
N GLN C 20 -23.65 18.38 44.75
CA GLN C 20 -24.01 17.35 43.81
C GLN C 20 -23.84 15.92 44.34
N GLY C 21 -23.43 15.80 45.59
CA GLY C 21 -23.29 14.49 46.20
C GLY C 21 -21.94 13.79 46.19
N PHE C 22 -20.85 14.54 46.36
CA PHE C 22 -19.52 13.92 46.39
C PHE C 22 -18.64 14.57 47.44
N LEU C 23 -17.73 13.79 48.00
CA LEU C 23 -16.79 14.33 48.96
C LEU C 23 -15.58 14.75 48.14
N ILE C 24 -15.19 16.01 48.28
CA ILE C 24 -14.04 16.53 47.54
C ILE C 24 -12.83 16.67 48.44
N VAL C 25 -11.71 16.13 47.96
CA VAL C 25 -10.47 16.17 48.71
C VAL C 25 -9.35 16.63 47.79
N ARG C 26 -8.45 17.46 48.31
CA ARG C 26 -7.34 17.92 47.51
C ARG C 26 -6.17 17.01 47.86
N THR C 27 -5.32 16.72 46.88
CA THR C 27 -4.17 15.84 47.09
C THR C 27 -3.01 16.19 46.17
N ASN C 28 -1.85 15.60 46.43
CA ASN C 28 -0.67 15.85 45.62
C ASN C 28 -0.30 14.56 44.87
N TRP C 29 -1.25 13.65 44.84
CA TRP C 29 -1.07 12.35 44.20
C TRP C 29 -2.37 11.96 43.47
N VAL C 30 -2.23 11.26 42.36
CA VAL C 30 -3.39 10.83 41.57
C VAL C 30 -3.80 9.39 41.87
N PRO C 31 -4.90 9.21 42.62
CA PRO C 31 -5.39 7.87 42.97
C PRO C 31 -6.07 7.22 41.76
N SER C 32 -6.77 6.11 41.99
CA SER C 32 -7.47 5.41 40.91
C SER C 32 -8.97 5.42 41.12
N LEU C 33 -9.72 5.16 40.05
CA LEU C 33 -11.17 5.14 40.15
C LEU C 33 -11.64 3.89 40.87
N ASN C 34 -12.74 4.02 41.60
CA ASN C 34 -13.31 2.90 42.36
C ASN C 34 -12.48 2.48 43.56
N ASP C 35 -11.44 3.24 43.87
CA ASP C 35 -10.58 2.95 45.02
C ASP C 35 -11.38 3.12 46.32
N ARG C 36 -11.12 2.25 47.29
CA ARG C 36 -11.80 2.32 48.56
C ARG C 36 -11.23 3.46 49.41
N VAL C 37 -12.12 4.23 50.03
CA VAL C 37 -11.69 5.33 50.87
C VAL C 37 -12.15 5.08 52.30
N VAL C 38 -11.22 5.24 53.24
CA VAL C 38 -11.53 5.02 54.64
C VAL C 38 -10.96 6.12 55.51
N ASP C 39 -11.46 6.21 56.73
CA ASP C 39 -10.98 7.20 57.69
C ASP C 39 -9.81 6.54 58.41
N LYS C 40 -9.29 7.16 59.46
CA LYS C 40 -8.17 6.57 60.17
C LYS C 40 -8.62 5.33 60.95
N ARG C 41 -9.92 5.17 61.12
CA ARG C 41 -10.48 4.04 61.84
C ARG C 41 -10.86 2.89 60.90
N LEU C 42 -10.46 3.01 59.64
CA LEU C 42 -10.75 1.98 58.63
C LEU C 42 -12.23 1.69 58.46
N GLN C 43 -13.08 2.66 58.80
CA GLN C 43 -14.52 2.48 58.70
C GLN C 43 -15.07 2.49 57.27
N PHE C 44 -14.28 2.99 56.33
CA PHE C 44 -14.69 3.07 54.92
C PHE C 44 -15.81 4.07 54.69
N VAL C 45 -15.51 5.13 53.96
CA VAL C 45 -16.48 6.17 53.67
C VAL C 45 -17.19 5.97 52.33
N GLY C 46 -16.41 5.73 51.28
CA GLY C 46 -16.99 5.52 49.96
C GLY C 46 -15.95 5.10 48.93
N ILE C 47 -16.27 5.27 47.66
CA ILE C 47 -15.35 4.89 46.59
C ILE C 47 -15.04 6.07 45.68
N VAL C 48 -13.80 6.17 45.22
CA VAL C 48 -13.41 7.26 44.33
C VAL C 48 -14.26 7.14 43.07
N LYS C 49 -14.77 8.27 42.59
CA LYS C 49 -15.62 8.25 41.41
C LYS C 49 -15.12 9.22 40.35
N ASP C 50 -14.12 10.01 40.70
CA ASP C 50 -13.57 10.98 39.75
C ASP C 50 -12.33 11.67 40.29
N VAL C 51 -11.42 12.02 39.38
CA VAL C 51 -10.19 12.71 39.74
C VAL C 51 -10.01 13.84 38.74
N PHE C 52 -9.70 15.04 39.22
CA PHE C 52 -9.56 16.16 38.31
C PHE C 52 -8.68 17.29 38.81
N GLY C 53 -8.61 18.35 38.02
CA GLY C 53 -7.80 19.50 38.40
C GLY C 53 -6.38 19.32 37.90
N PRO C 54 -5.45 20.18 38.35
CA PRO C 54 -4.05 20.08 37.92
C PRO C 54 -3.39 18.78 38.36
N VAL C 55 -2.63 18.19 37.43
CA VAL C 55 -1.94 16.94 37.66
C VAL C 55 -0.98 17.00 38.87
N LYS C 56 -0.50 18.19 39.19
CA LYS C 56 0.40 18.35 40.33
C LYS C 56 -0.36 18.29 41.65
N MET C 57 -1.50 18.98 41.72
CA MET C 57 -2.32 19.00 42.93
C MET C 57 -3.78 18.78 42.53
N PRO C 58 -4.15 17.52 42.26
CA PRO C 58 -5.52 17.20 41.86
C PRO C 58 -6.61 17.14 42.95
N TYR C 59 -7.86 17.21 42.51
CA TYR C 59 -9.03 17.11 43.39
C TYR C 59 -9.54 15.69 43.20
N VAL C 60 -10.20 15.16 44.20
CA VAL C 60 -10.75 13.82 44.09
C VAL C 60 -12.19 13.81 44.60
N ALA C 61 -13.08 13.18 43.85
CA ALA C 61 -14.49 13.11 44.23
C ALA C 61 -14.84 11.72 44.75
N ILE C 62 -15.02 11.64 46.07
CA ILE C 62 -15.38 10.38 46.69
C ILE C 62 -16.88 10.24 46.74
N LYS C 63 -17.38 9.16 46.14
CA LYS C 63 -18.81 8.86 46.13
C LYS C 63 -19.13 8.37 47.54
N PRO C 64 -19.79 9.20 48.36
CA PRO C 64 -20.13 8.77 49.72
C PRO C 64 -21.03 7.55 49.72
N LYS C 65 -20.64 6.52 50.47
CA LYS C 65 -21.44 5.32 50.54
C LYS C 65 -21.91 5.10 51.98
N VAL C 66 -21.84 6.18 52.77
CA VAL C 66 -22.24 6.16 54.17
C VAL C 66 -23.68 6.65 54.30
N SER C 67 -24.34 6.25 55.39
CA SER C 67 -25.72 6.63 55.65
C SER C 67 -25.87 8.15 55.68
N ASN C 68 -24.84 8.85 56.12
CA ASN C 68 -24.90 10.30 56.19
C ASN C 68 -23.50 10.92 56.17
N PRO C 69 -23.07 11.40 54.99
CA PRO C 69 -21.76 12.02 54.86
C PRO C 69 -21.76 13.37 55.55
N GLU C 70 -21.04 14.32 54.98
CA GLU C 70 -20.98 15.67 55.53
C GLU C 70 -20.29 15.73 56.89
N ILE C 71 -20.21 14.60 57.58
CA ILE C 71 -19.55 14.57 58.88
C ILE C 71 -18.05 14.42 58.69
N TYR C 72 -17.66 13.82 57.58
CA TYR C 72 -16.26 13.59 57.24
C TYR C 72 -15.53 14.81 56.67
N VAL C 73 -16.21 15.95 56.59
CA VAL C 73 -15.58 17.15 56.07
C VAL C 73 -14.53 17.62 57.07
N GLY C 74 -13.35 17.98 56.55
CA GLY C 74 -12.28 18.41 57.41
C GLY C 74 -11.59 17.20 58.03
N GLU C 75 -12.05 16.02 57.63
CA GLU C 75 -11.48 14.77 58.13
C GLU C 75 -10.60 14.12 57.08
N VAL C 76 -9.41 13.69 57.50
CA VAL C 76 -8.46 13.05 56.60
C VAL C 76 -8.97 11.70 56.12
N LEU C 77 -8.83 11.43 54.82
CA LEU C 77 -9.27 10.18 54.25
C LEU C 77 -8.10 9.44 53.62
N TYR C 78 -8.19 8.12 53.59
CA TYR C 78 -7.13 7.29 53.04
C TYR C 78 -7.63 6.28 52.03
N VAL C 79 -6.68 5.63 51.37
CA VAL C 79 -6.95 4.61 50.38
C VAL C 79 -6.14 3.39 50.79
N ASP C 80 -6.81 2.28 51.06
CA ASP C 80 -6.15 1.05 51.46
C ASP C 80 -5.71 0.21 50.27
N MET D 8 -15.27 -21.37 -52.59
CA MET D 8 -14.05 -22.22 -52.77
C MET D 8 -12.79 -21.39 -52.53
N LYS D 9 -12.21 -21.55 -51.34
CA LYS D 9 -11.01 -20.82 -50.98
C LYS D 9 -9.76 -21.69 -51.12
N ARG D 10 -8.76 -21.15 -51.82
CA ARG D 10 -7.51 -21.86 -52.09
C ARG D 10 -6.61 -22.07 -50.87
N LEU D 11 -6.06 -23.27 -50.77
CA LEU D 11 -5.15 -23.65 -49.71
C LEU D 11 -3.74 -23.58 -50.28
N GLY D 12 -3.49 -24.44 -51.25
CA GLY D 12 -2.19 -24.48 -51.90
C GLY D 12 -1.91 -25.85 -52.47
N LYS D 13 -0.69 -26.03 -52.97
CA LYS D 13 -0.29 -27.30 -53.55
C LYS D 13 0.05 -28.30 -52.46
N VAL D 14 -0.22 -29.57 -52.73
CA VAL D 14 0.11 -30.63 -51.80
C VAL D 14 1.61 -30.83 -51.89
N LEU D 15 2.31 -30.60 -50.78
CA LEU D 15 3.76 -30.77 -50.75
C LEU D 15 4.07 -32.24 -50.87
N HIS D 16 3.29 -33.06 -50.17
CA HIS D 16 3.48 -34.50 -50.20
C HIS D 16 2.39 -35.20 -49.41
N TYR D 17 2.41 -36.53 -49.45
CA TYR D 17 1.45 -37.33 -48.71
C TYR D 17 2.23 -38.02 -47.60
N ALA D 18 2.03 -37.53 -46.37
CA ALA D 18 2.72 -38.06 -45.19
C ALA D 18 2.38 -39.53 -44.92
N LYS D 19 3.42 -40.32 -44.68
CA LYS D 19 3.26 -41.74 -44.40
C LYS D 19 2.26 -42.03 -43.28
N GLN D 20 1.96 -41.03 -42.48
CA GLN D 20 1.02 -41.21 -41.39
C GLN D 20 -0.42 -41.08 -41.89
N GLY D 21 -0.56 -40.85 -43.19
CA GLY D 21 -1.88 -40.76 -43.78
C GLY D 21 -2.51 -39.39 -43.94
N PHE D 22 -1.70 -38.37 -44.20
CA PHE D 22 -2.26 -37.05 -44.39
C PHE D 22 -1.63 -36.32 -45.56
N LEU D 23 -2.47 -35.60 -46.29
CA LEU D 23 -2.01 -34.78 -47.39
C LEU D 23 -1.53 -33.53 -46.66
N ILE D 24 -0.36 -33.03 -47.04
CA ILE D 24 0.21 -31.87 -46.39
C ILE D 24 0.32 -30.71 -47.36
N VAL D 25 -0.27 -29.59 -47.00
CA VAL D 25 -0.24 -28.41 -47.85
C VAL D 25 0.27 -27.19 -47.09
N ARG D 26 1.23 -26.48 -47.69
CA ARG D 26 1.76 -25.29 -47.05
C ARG D 26 0.86 -24.15 -47.51
N THR D 27 0.28 -23.41 -46.57
CA THR D 27 -0.61 -22.30 -46.92
C THR D 27 -0.17 -20.97 -46.31
N ASN D 28 -0.97 -19.94 -46.54
CA ASN D 28 -0.67 -18.61 -46.02
C ASN D 28 -1.79 -18.11 -45.12
N TRP D 29 -2.74 -18.99 -44.83
CA TRP D 29 -3.86 -18.64 -43.94
C TRP D 29 -4.24 -19.83 -43.07
N VAL D 30 -5.02 -19.56 -42.04
CA VAL D 30 -5.44 -20.59 -41.11
C VAL D 30 -6.88 -21.09 -41.33
N PRO D 31 -7.02 -22.29 -41.91
CA PRO D 31 -8.34 -22.86 -42.16
C PRO D 31 -8.94 -23.42 -40.86
N SER D 32 -10.16 -23.95 -40.92
CA SER D 32 -10.81 -24.50 -39.74
C SER D 32 -10.82 -26.03 -39.72
N LEU D 33 -10.72 -26.59 -38.53
CA LEU D 33 -10.72 -28.03 -38.35
C LEU D 33 -12.02 -28.61 -38.87
N ASN D 34 -11.92 -29.70 -39.62
CA ASN D 34 -13.07 -30.37 -40.20
C ASN D 34 -13.64 -29.68 -41.42
N ASP D 35 -12.84 -28.85 -42.07
CA ASP D 35 -13.27 -28.16 -43.29
C ASP D 35 -13.20 -29.15 -44.43
N ARG D 36 -14.17 -29.08 -45.34
CA ARG D 36 -14.18 -29.98 -46.49
C ARG D 36 -13.18 -29.47 -47.50
N VAL D 37 -12.35 -30.37 -48.02
CA VAL D 37 -11.34 -29.97 -49.00
C VAL D 37 -11.70 -30.51 -50.38
N VAL D 38 -11.42 -29.72 -51.41
CA VAL D 38 -11.73 -30.10 -52.78
C VAL D 38 -10.60 -29.76 -53.75
N ASP D 39 -10.71 -30.29 -54.97
CA ASP D 39 -9.73 -30.05 -56.01
C ASP D 39 -10.31 -28.92 -56.86
N LYS D 40 -9.58 -28.45 -57.86
CA LYS D 40 -10.06 -27.36 -58.70
C LYS D 40 -11.42 -27.64 -59.34
N ARG D 41 -11.87 -28.89 -59.27
CA ARG D 41 -13.16 -29.30 -59.85
C ARG D 41 -14.21 -29.64 -58.80
N LEU D 42 -14.10 -29.02 -57.64
CA LEU D 42 -15.01 -29.26 -56.53
C LEU D 42 -15.20 -30.74 -56.24
N GLN D 43 -14.21 -31.53 -56.63
CA GLN D 43 -14.23 -32.96 -56.38
C GLN D 43 -13.78 -33.08 -54.91
N PHE D 44 -14.56 -33.77 -54.10
CA PHE D 44 -14.23 -33.94 -52.69
C PHE D 44 -12.93 -34.72 -52.52
N VAL D 45 -12.02 -34.20 -51.70
CA VAL D 45 -10.74 -34.86 -51.47
C VAL D 45 -10.57 -35.32 -50.03
N GLY D 46 -10.84 -34.43 -49.09
CA GLY D 46 -10.70 -34.82 -47.70
C GLY D 46 -11.18 -33.79 -46.70
N ILE D 47 -10.79 -34.00 -45.45
CA ILE D 47 -11.18 -33.13 -44.34
C ILE D 47 -9.94 -32.60 -43.63
N VAL D 48 -9.97 -31.33 -43.25
CA VAL D 48 -8.85 -30.72 -42.54
C VAL D 48 -8.86 -31.31 -41.13
N LYS D 49 -7.83 -32.08 -40.78
CA LYS D 49 -7.80 -32.67 -39.46
C LYS D 49 -6.78 -32.01 -38.54
N ASP D 50 -5.95 -31.14 -39.10
CA ASP D 50 -4.95 -30.44 -38.30
C ASP D 50 -4.32 -29.25 -39.02
N VAL D 51 -3.82 -28.30 -38.24
CA VAL D 51 -3.16 -27.11 -38.77
C VAL D 51 -2.01 -26.81 -37.82
N PHE D 52 -0.81 -26.64 -38.38
CA PHE D 52 0.36 -26.40 -37.55
C PHE D 52 1.45 -25.59 -38.25
N GLY D 53 2.62 -25.52 -37.61
CA GLY D 53 3.73 -24.78 -38.17
C GLY D 53 3.58 -23.31 -37.81
N PRO D 54 4.37 -22.42 -38.41
CA PRO D 54 4.31 -20.98 -38.13
C PRO D 54 2.97 -20.36 -38.50
N VAL D 55 2.47 -19.52 -37.61
CA VAL D 55 1.19 -18.86 -37.79
C VAL D 55 1.07 -18.12 -39.13
N LYS D 56 2.18 -17.56 -39.62
CA LYS D 56 2.16 -16.84 -40.90
C LYS D 56 2.05 -17.79 -42.10
N MET D 57 2.94 -18.77 -42.17
CA MET D 57 2.92 -19.76 -43.25
C MET D 57 2.69 -21.13 -42.63
N PRO D 58 1.44 -21.44 -42.29
CA PRO D 58 1.17 -22.74 -41.66
C PRO D 58 1.08 -23.95 -42.60
N TYR D 59 1.03 -25.12 -41.98
CA TYR D 59 0.90 -26.39 -42.68
C TYR D 59 -0.51 -26.88 -42.38
N VAL D 60 -1.09 -27.61 -43.31
CA VAL D 60 -2.43 -28.14 -43.12
C VAL D 60 -2.41 -29.63 -43.42
N ALA D 61 -2.92 -30.43 -42.47
CA ALA D 61 -2.99 -31.88 -42.63
C ALA D 61 -4.41 -32.25 -43.02
N ILE D 62 -4.54 -32.78 -44.23
CA ILE D 62 -5.82 -33.17 -44.79
C ILE D 62 -5.97 -34.68 -44.88
N LYS D 63 -6.91 -35.24 -44.12
CA LYS D 63 -7.11 -36.68 -44.18
C LYS D 63 -7.83 -36.94 -45.49
N PRO D 64 -7.21 -37.73 -46.39
CA PRO D 64 -7.85 -38.02 -47.67
C PRO D 64 -9.04 -38.96 -47.55
N LYS D 65 -10.06 -38.69 -48.36
CA LYS D 65 -11.28 -39.47 -48.38
C LYS D 65 -11.44 -40.05 -49.79
N VAL D 66 -10.32 -40.31 -50.45
CA VAL D 66 -10.35 -40.85 -51.80
C VAL D 66 -9.50 -42.11 -51.93
N SER D 67 -9.60 -42.76 -53.08
CA SER D 67 -8.85 -43.99 -53.35
C SER D 67 -7.35 -43.81 -53.21
N ASN D 68 -6.74 -43.13 -54.17
CA ASN D 68 -5.29 -42.90 -54.15
C ASN D 68 -4.92 -41.42 -54.04
N PRO D 69 -4.91 -40.88 -52.82
CA PRO D 69 -4.58 -39.48 -52.57
C PRO D 69 -3.21 -39.05 -53.07
N GLU D 70 -2.39 -40.02 -53.47
CA GLU D 70 -1.04 -39.73 -53.97
C GLU D 70 -1.11 -38.92 -55.25
N ILE D 71 -2.22 -39.05 -55.99
CA ILE D 71 -2.40 -38.34 -57.23
C ILE D 71 -2.54 -36.85 -57.01
N TYR D 72 -2.96 -36.45 -55.81
CA TYR D 72 -3.14 -35.04 -55.53
C TYR D 72 -1.85 -34.32 -55.16
N VAL D 73 -0.77 -35.09 -54.99
CA VAL D 73 0.51 -34.48 -54.66
C VAL D 73 0.85 -33.52 -55.79
N GLY D 74 1.21 -32.29 -55.43
CA GLY D 74 1.55 -31.30 -56.44
C GLY D 74 0.34 -30.55 -56.97
N GLU D 75 -0.85 -31.03 -56.64
CA GLU D 75 -2.09 -30.39 -57.09
C GLU D 75 -2.61 -29.40 -56.05
N VAL D 76 -3.26 -28.34 -56.52
CA VAL D 76 -3.82 -27.33 -55.63
C VAL D 76 -5.14 -27.80 -55.03
N LEU D 77 -5.30 -27.58 -53.74
CA LEU D 77 -6.52 -27.96 -53.04
C LEU D 77 -7.18 -26.71 -52.50
N TYR D 78 -8.49 -26.75 -52.33
CA TYR D 78 -9.24 -25.60 -51.83
C TYR D 78 -10.20 -26.04 -50.74
N VAL D 79 -10.58 -25.08 -49.90
CA VAL D 79 -11.53 -25.35 -48.84
C VAL D 79 -12.89 -25.01 -49.40
N ASP D 80 -13.86 -25.89 -49.18
CA ASP D 80 -15.20 -25.65 -49.68
C ASP D 80 -16.17 -25.27 -48.56
N GLU D 81 -16.67 -24.04 -48.61
CA GLU D 81 -17.61 -23.56 -47.61
C GLU D 81 -18.94 -23.20 -48.26
N ARG D 82 -19.72 -22.38 -47.57
CA ARG D 82 -21.02 -21.96 -48.08
C ARG D 82 -21.46 -20.67 -47.39
N ARG E 4 -26.69 34.98 28.09
CA ARG E 4 -26.50 34.96 26.61
C ARG E 4 -25.22 35.73 26.27
N ILE E 5 -24.33 35.08 25.52
CA ILE E 5 -23.05 35.67 25.16
C ILE E 5 -23.17 36.77 24.12
N ARG E 6 -22.52 37.90 24.38
CA ARG E 6 -22.57 39.02 23.45
C ARG E 6 -21.16 39.52 23.16
N LYS E 7 -21.04 40.31 22.11
CA LYS E 7 -19.74 40.89 21.78
C LYS E 7 -19.97 42.25 21.15
N CYS E 8 -18.98 43.13 21.27
CA CYS E 8 -19.10 44.46 20.70
C CYS E 8 -18.55 44.48 19.28
N PRO E 9 -19.31 45.07 18.34
CA PRO E 9 -18.90 45.18 16.94
C PRO E 9 -17.52 45.81 16.76
N LYS E 10 -17.20 46.78 17.61
CA LYS E 10 -15.91 47.45 17.53
C LYS E 10 -15.04 47.07 18.73
N CYS E 11 -13.90 46.46 18.46
CA CYS E 11 -12.94 46.00 19.46
C CYS E 11 -13.29 44.57 19.92
N GLY E 12 -14.33 44.01 19.29
CA GLY E 12 -14.78 42.66 19.57
C GLY E 12 -14.73 42.06 20.97
N ARG E 13 -14.76 42.91 21.99
CA ARG E 13 -14.72 42.44 23.37
C ARG E 13 -15.96 41.58 23.64
N TYR E 14 -15.79 40.50 24.39
CA TYR E 14 -16.91 39.63 24.75
C TYR E 14 -17.46 40.04 26.11
N THR E 15 -18.79 40.10 26.21
CA THR E 15 -19.45 40.51 27.45
C THR E 15 -20.89 40.01 27.48
N LEU E 16 -21.51 40.10 28.65
CA LEU E 16 -22.91 39.70 28.82
C LEU E 16 -23.76 40.97 28.85
N LYS E 17 -23.10 42.12 28.97
CA LYS E 17 -23.78 43.40 29.04
C LYS E 17 -24.21 43.94 27.69
N GLU E 18 -25.37 44.60 27.68
CA GLU E 18 -25.96 45.19 26.49
C GLU E 18 -25.02 46.24 25.89
N VAL E 19 -24.37 46.99 26.76
CA VAL E 19 -23.44 48.02 26.31
C VAL E 19 -22.01 47.62 26.65
N CYS E 20 -21.11 47.74 25.69
CA CYS E 20 -19.72 47.37 25.93
C CYS E 20 -19.09 48.21 27.02
N PRO E 21 -18.40 47.57 27.98
CA PRO E 21 -17.75 48.28 29.07
C PRO E 21 -16.54 49.07 28.59
N VAL E 22 -15.99 48.67 27.45
CA VAL E 22 -14.81 49.31 26.90
C VAL E 22 -15.06 50.55 26.05
N CYS E 23 -15.95 50.45 25.06
CA CYS E 23 -16.22 51.59 24.17
C CYS E 23 -17.61 52.20 24.31
N GLY E 24 -18.46 51.60 25.13
CA GLY E 24 -19.80 52.13 25.32
C GLY E 24 -20.78 51.85 24.19
N GLU E 25 -20.27 51.42 23.04
CA GLU E 25 -21.12 51.09 21.90
C GLU E 25 -21.93 49.84 22.21
N LYS E 26 -23.15 49.78 21.70
CA LYS E 26 -24.03 48.64 21.96
C LYS E 26 -23.51 47.30 21.45
N THR E 27 -23.79 46.25 22.21
CA THR E 27 -23.35 44.89 21.85
C THR E 27 -24.47 44.05 21.25
N LYS E 28 -24.10 42.93 20.65
CA LYS E 28 -25.08 42.03 20.03
C LYS E 28 -24.77 40.58 20.38
N VAL E 29 -25.78 39.74 20.26
CA VAL E 29 -25.59 38.32 20.55
C VAL E 29 -24.49 37.83 19.60
N ALA E 30 -23.47 37.21 20.18
CA ALA E 30 -22.33 36.74 19.41
C ALA E 30 -22.63 35.66 18.37
N HIS E 31 -23.68 34.89 18.60
CA HIS E 31 -24.04 33.82 17.68
C HIS E 31 -24.68 34.36 16.41
N PRO E 32 -24.38 33.74 15.25
CA PRO E 32 -24.97 34.21 14.00
C PRO E 32 -26.41 33.73 13.92
N PRO E 33 -27.24 34.38 13.08
CA PRO E 33 -28.64 33.99 12.96
C PRO E 33 -28.84 32.55 12.46
N ARG E 34 -29.93 31.94 12.89
CA ARG E 34 -30.22 30.56 12.50
C ARG E 34 -30.30 30.46 10.99
N PHE E 35 -29.95 29.30 10.45
CA PHE E 35 -29.98 29.09 9.01
C PHE E 35 -30.79 27.86 8.62
N SER E 36 -31.51 27.97 7.52
CA SER E 36 -32.30 26.86 6.98
C SER E 36 -31.94 26.85 5.50
N PRO E 37 -31.61 25.67 4.95
CA PRO E 37 -31.25 25.59 3.53
C PRO E 37 -32.29 26.20 2.60
N GLU E 38 -33.54 26.19 3.02
CA GLU E 38 -34.63 26.76 2.24
C GLU E 38 -34.37 28.27 2.13
N ASP E 39 -33.70 28.79 3.16
CA ASP E 39 -33.34 30.21 3.23
C ASP E 39 -34.45 31.16 2.80
N PRO E 40 -35.54 31.21 3.57
CA PRO E 40 -36.63 32.11 3.22
C PRO E 40 -36.11 33.53 3.40
N TYR E 41 -36.48 34.43 2.49
CA TYR E 41 -36.07 35.82 2.56
C TYR E 41 -34.68 36.03 1.98
N GLY E 42 -34.08 34.95 1.47
CA GLY E 42 -32.76 35.07 0.88
C GLY E 42 -32.79 36.05 -0.27
N GLU E 43 -33.88 36.04 -1.03
CA GLU E 43 -34.02 36.94 -2.16
C GLU E 43 -34.11 38.38 -1.67
N TYR E 44 -34.90 38.60 -0.64
CA TYR E 44 -35.08 39.94 -0.09
C TYR E 44 -33.75 40.46 0.46
N ARG E 45 -33.05 39.60 1.21
CA ARG E 45 -31.78 39.97 1.81
C ARG E 45 -30.77 40.37 0.75
N ARG E 46 -30.69 39.62 -0.34
CA ARG E 46 -29.75 39.92 -1.39
C ARG E 46 -30.08 41.22 -2.10
N ARG E 47 -31.37 41.53 -2.19
CA ARG E 47 -31.79 42.77 -2.85
C ARG E 47 -31.14 43.95 -2.14
N TRP E 48 -31.29 44.05 -0.83
CA TRP E 48 -30.67 45.18 -0.15
C TRP E 48 -29.16 45.01 -0.11
N LYS E 49 -28.69 43.78 0.03
CA LYS E 49 -27.25 43.55 0.09
C LYS E 49 -26.58 43.98 -1.22
N ARG E 50 -27.19 43.66 -2.36
CA ARG E 50 -26.59 44.07 -3.63
C ARG E 50 -26.43 45.58 -3.64
N GLU E 51 -27.43 46.26 -3.10
CA GLU E 51 -27.41 47.73 -3.04
C GLU E 51 -26.19 48.21 -2.26
N VAL E 52 -26.15 47.88 -0.97
CA VAL E 52 -25.04 48.30 -0.12
C VAL E 52 -23.66 48.01 -0.73
N LEU E 53 -23.50 46.82 -1.31
CA LEU E 53 -22.22 46.45 -1.91
C LEU E 53 -21.99 47.11 -3.26
N GLY E 54 -23.07 47.42 -3.96
CA GLY E 54 -22.97 48.05 -5.26
C GLY E 54 -22.85 47.06 -6.40
N ILE E 55 -23.68 46.02 -6.38
CA ILE E 55 -23.67 44.99 -7.42
C ILE E 55 -24.91 45.13 -8.30
N ARG F 4 19.79 -42.60 -23.99
CA ARG F 4 20.39 -42.06 -25.26
C ARG F 4 21.02 -40.69 -25.10
N ILE F 5 20.29 -39.75 -24.49
CA ILE F 5 20.81 -38.41 -24.30
C ILE F 5 21.96 -38.42 -23.31
N ARG F 6 23.07 -37.79 -23.68
CA ARG F 6 24.24 -37.75 -22.82
C ARG F 6 24.79 -36.34 -22.67
N LYS F 7 25.58 -36.14 -21.61
CA LYS F 7 26.21 -34.86 -21.34
C LYS F 7 27.62 -35.09 -20.83
N CYS F 8 28.48 -34.09 -21.00
CA CYS F 8 29.86 -34.19 -20.54
C CYS F 8 30.18 -33.09 -19.53
N PRO F 9 30.82 -33.47 -18.40
CA PRO F 9 31.24 -32.59 -17.30
C PRO F 9 32.04 -31.36 -17.71
N LYS F 10 31.96 -30.31 -16.88
CA LYS F 10 32.66 -29.06 -17.14
C LYS F 10 32.76 -28.75 -18.63
N CYS F 11 31.59 -28.72 -19.25
CA CYS F 11 31.46 -28.44 -20.67
C CYS F 11 29.95 -28.34 -20.86
N GLY F 12 29.23 -29.19 -20.13
CA GLY F 12 27.78 -29.22 -20.18
C GLY F 12 27.19 -29.35 -21.57
N ARG F 13 27.97 -29.90 -22.50
CA ARG F 13 27.48 -30.08 -23.85
C ARG F 13 26.75 -31.42 -23.98
N TYR F 14 25.55 -31.38 -24.54
CA TYR F 14 24.76 -32.59 -24.73
C TYR F 14 25.14 -33.25 -26.05
N THR F 15 25.20 -34.58 -26.04
CA THR F 15 25.54 -35.33 -27.24
C THR F 15 25.03 -36.76 -27.09
N LEU F 16 25.14 -37.54 -28.16
CA LEU F 16 24.71 -38.93 -28.15
C LEU F 16 25.93 -39.83 -28.08
N LYS F 17 27.09 -39.26 -28.40
CA LYS F 17 28.34 -39.99 -28.40
C LYS F 17 28.88 -40.28 -27.00
N GLU F 18 29.83 -41.20 -26.93
CA GLU F 18 30.44 -41.58 -25.66
C GLU F 18 31.60 -40.65 -25.31
N VAL F 19 31.96 -39.79 -26.26
CA VAL F 19 33.05 -38.82 -26.07
C VAL F 19 32.69 -37.47 -26.68
N CYS F 20 32.56 -36.45 -25.85
CA CYS F 20 32.21 -35.11 -26.31
C CYS F 20 33.04 -34.61 -27.48
N PRO F 21 32.39 -34.00 -28.48
CA PRO F 21 33.06 -33.45 -29.67
C PRO F 21 34.11 -32.41 -29.30
N VAL F 22 33.72 -31.47 -28.46
CA VAL F 22 34.61 -30.40 -28.02
C VAL F 22 35.80 -30.98 -27.27
N CYS F 23 35.56 -31.37 -26.02
CA CYS F 23 36.61 -31.95 -25.19
C CYS F 23 36.89 -33.38 -25.65
N GLY F 24 37.22 -34.25 -24.69
CA GLY F 24 37.48 -35.64 -25.02
C GLY F 24 37.02 -36.51 -23.87
N GLU F 25 36.34 -35.88 -22.92
CA GLU F 25 35.82 -36.55 -21.73
C GLU F 25 34.86 -37.68 -22.10
N LYS F 26 34.67 -38.60 -21.14
CA LYS F 26 33.77 -39.72 -21.35
C LYS F 26 32.39 -39.28 -20.87
N THR F 27 31.56 -38.83 -21.81
CA THR F 27 30.21 -38.35 -21.51
C THR F 27 29.41 -39.30 -20.64
N LYS F 28 28.46 -38.75 -19.88
CA LYS F 28 27.61 -39.53 -18.99
C LYS F 28 26.15 -39.41 -19.39
N VAL F 29 25.34 -40.39 -18.98
CA VAL F 29 23.91 -40.35 -19.28
C VAL F 29 23.32 -39.10 -18.64
N ALA F 30 22.69 -38.26 -19.45
CA ALA F 30 22.11 -37.00 -18.99
C ALA F 30 21.09 -37.13 -17.85
N HIS F 31 20.34 -38.22 -17.83
CA HIS F 31 19.33 -38.43 -16.78
C HIS F 31 19.92 -38.89 -15.45
N PRO F 32 19.35 -38.41 -14.34
CA PRO F 32 19.85 -38.81 -13.02
C PRO F 32 19.28 -40.19 -12.72
N PRO F 33 19.96 -40.97 -11.87
CA PRO F 33 19.56 -42.32 -11.46
C PRO F 33 18.18 -42.40 -10.82
N ARG F 34 17.53 -43.55 -10.96
CA ARG F 34 16.23 -43.77 -10.37
C ARG F 34 16.37 -43.59 -8.85
N PHE F 35 15.26 -43.28 -8.18
CA PHE F 35 15.28 -43.09 -6.74
C PHE F 35 13.99 -43.58 -6.11
N SER F 36 14.08 -44.12 -4.90
CA SER F 36 12.89 -44.57 -4.19
C SER F 36 13.15 -44.16 -2.76
N PRO F 37 12.09 -43.86 -1.98
CA PRO F 37 12.25 -43.45 -0.58
C PRO F 37 13.04 -44.52 0.17
N GLU F 38 12.81 -45.77 -0.22
CA GLU F 38 13.47 -46.91 0.39
C GLU F 38 14.97 -46.69 0.21
N ASP F 39 15.34 -46.16 -0.95
CA ASP F 39 16.73 -45.87 -1.30
C ASP F 39 17.70 -46.94 -0.81
N PRO F 40 17.63 -48.15 -1.39
CA PRO F 40 18.51 -49.26 -1.02
C PRO F 40 19.99 -48.89 -0.97
N TYR F 41 20.61 -49.14 0.18
CA TYR F 41 22.03 -48.89 0.39
C TYR F 41 22.47 -47.43 0.47
N GLY F 42 21.51 -46.51 0.56
CA GLY F 42 21.86 -45.10 0.65
C GLY F 42 22.84 -44.85 1.78
N GLU F 43 22.73 -45.64 2.84
CA GLU F 43 23.62 -45.52 3.99
C GLU F 43 25.05 -45.67 3.52
N TYR F 44 25.29 -46.62 2.62
CA TYR F 44 26.63 -46.86 2.12
C TYR F 44 27.07 -45.80 1.12
N ARG F 45 26.11 -45.19 0.44
CA ARG F 45 26.46 -44.15 -0.49
C ARG F 45 27.01 -42.97 0.33
N ARG F 46 26.39 -42.73 1.47
CA ARG F 46 26.78 -41.62 2.34
C ARG F 46 28.16 -41.83 2.96
N ARG F 47 28.47 -43.08 3.31
CA ARG F 47 29.77 -43.37 3.88
C ARG F 47 30.83 -43.06 2.85
N TRP F 48 30.62 -43.52 1.63
CA TRP F 48 31.56 -43.29 0.54
C TRP F 48 31.73 -41.80 0.32
N LYS F 49 30.62 -41.07 0.38
CA LYS F 49 30.66 -39.63 0.17
C LYS F 49 31.36 -38.92 1.33
N ARG F 50 31.09 -39.35 2.55
CA ARG F 50 31.72 -38.70 3.70
C ARG F 50 33.24 -38.71 3.60
N GLU F 51 33.83 -39.83 3.22
CA GLU F 51 35.27 -39.91 3.11
C GLU F 51 35.80 -39.13 1.89
N VAL F 52 35.26 -39.43 0.71
CA VAL F 52 35.67 -38.76 -0.50
C VAL F 52 35.45 -37.26 -0.38
N LEU F 53 34.23 -36.86 -0.03
CA LEU F 53 33.91 -35.46 0.14
C LEU F 53 34.75 -34.91 1.28
N GLY F 54 35.26 -35.81 2.12
CA GLY F 54 36.07 -35.40 3.24
C GLY F 54 35.26 -34.76 4.34
N ILE F 55 33.94 -34.84 4.22
CA ILE F 55 33.04 -34.27 5.21
C ILE F 55 33.03 -35.08 6.50
ZN ZN G . -16.51 47.34 22.74
ZN ZN H . 32.82 -31.87 -23.23
#